data_6D3S
#
_entry.id   6D3S
#
loop_
_entity.id
_entity.type
_entity.pdbx_description
1 polymer 'Cystic fibrosis transmembrane conductance regulator'
2 non-polymer "ADENOSINE-5'-TRIPHOSPHATE"
#
_entity_poly.entity_id   1
_entity_poly.type   'polypeptide(L)'
_entity_poly.pdbx_seq_one_letter_code
;MQRSPLEKANIFSKLFFRWTKPILKKGYRQRLELSDIYQIPSADSADNLSEKLEREWDRELATSKKKPKLINALRRCFFW
KFMFYGILLYLGEVTKSVQPLLLGRIIASYDPDNSSERSIAYYLGIGLCLLFLVRTLLIHPSIFGLHHIGMQIRIALFSL
IYKKTLKLSSKVLDKISTGQLVSLLSNNLNKFDEGLALAHFVWIAPLQVALLMGLLWDMLQASAFAGLAFLIVMAFFQAW
LGQMMMKYRDKRAGKINERLVITSEIIENIQSVKAYCWEDAMEKMIESLRETELKLTRKAAYVRYFNSSAFFFSGFFVVF
LAVVPYAVTKGIILRKIFTTISFCIVLRMTVTRQFPGSVQTWYDSIGAINKIQDFLLKEEYKALEYNLTTTGVEVDKVTA
FWDEHASPVLQDINFKIEKGELLAVSGSTGSGKTSLLMLIMGELEPSEGKIKHSGRISFSPQVSWIMPGTIKENIIFGVS
YDEYRYKSVIQACQLEEDILKFPDKDYTVLGEGGIILSGGQRARISLARAVYKDADLYLMDSPFGYLDIFTEKEIFESCV
CKLMANKTRILVTSKLEHLKIADKILILHEGSCYFYGTFSELQGQRPDFSSELMGFDSFDQFSAERRNSIITETLRRFSF
EGESMGSRNEMKKQSFKQTSDFNDKRKNSIIINPLNAGRKLSIMQKNGTQVNGLEDGHIDSPERRISLVPDLEQGDVGLP
RSNMLNSDHMLQSRRRQSVLSLMTGTSVNQGPHVSKKGSTSFRKMSVVPQTNLSSEIDIYTRRLSRDSILDITDEINEED
LKECFTDDAESMGTVTTWNTYFRYITIHKSLIFVLILCVTIFLLEVAASLVLLLFLQKAAQINATQPENATSDNPPVIIT
DTSSYYMIYIYVGIADTLLAMGIFRGLPLVHTLITVSKTLHQKMVHAVLYAPMSTFNSLKAGGILNRFSKDTAILDDLLP
LTVFDLIQLILIVIGAITVVSILQPYIFLASVPVIAAFIVLRAYFLHTSQQLKQLESEARSPIFTHLVTSLKGLWTLRAF
GRQPYFETLFHKALNLHTANWFLYLSTLRWFQMRIEMIFVVFFSAVAFISIITTGDGPGRVGIILTLAMNIMGTLQWAVN
SSIDVDSLMRSVSRIFKFIDMPTEEMKTIKPQKNNQFSDALIIENRHVKDEKNWPSGGQMTVTDLTARYTEGGTAVLENI
SFSISSGQTVGLLGRTGSGKSTLLFAFLRLLNTEGDIQIDGVSWNTVSLQQWRKAFGVIPQKVFIFSGTFRKNLDPYGQW
NDEEIWKVAEEVGLKSVIEQFPGQLDFVLVDGGCVLSHGHKQLMCLARSVLSKAKILLLDEPSAHLDPITSQVIRKTLKH
AFADCTVVLSESRLEAILECQRFLVIEDNKMRQYESIQKLLSEKSSLRQSGSGGGGGGSLEVLFQGDHHHHHHHHHH
;
_entity_poly.pdbx_strand_id   A
#
# COMPACT_ATOMS: atom_id res chain seq x y z
N SER A 42 6.11 27.83 -16.23
CA SER A 42 6.38 26.42 -15.86
C SER A 42 6.29 25.36 -16.96
N ALA A 43 7.09 24.29 -16.73
CA ALA A 43 7.20 23.09 -17.58
C ALA A 43 6.15 22.00 -17.34
N ASP A 44 6.00 21.14 -18.34
CA ASP A 44 5.13 19.99 -18.28
C ASP A 44 5.85 18.66 -18.08
N SER A 45 7.11 18.68 -17.65
CA SER A 45 7.89 17.44 -17.47
C SER A 45 8.79 17.49 -16.25
N ALA A 46 9.12 16.31 -15.73
CA ALA A 46 9.94 16.25 -14.54
C ALA A 46 11.30 16.90 -14.63
N ASP A 47 11.98 16.82 -15.76
CA ASP A 47 13.35 17.34 -15.76
C ASP A 47 13.38 18.84 -15.56
N ASN A 48 12.45 19.52 -16.16
CA ASN A 48 12.41 20.95 -16.12
C ASN A 48 11.86 21.42 -14.79
N LEU A 49 10.89 20.69 -14.26
CA LEU A 49 10.32 21.08 -13.01
C LEU A 49 11.37 20.97 -11.92
N SER A 50 12.20 19.96 -12.01
CA SER A 50 13.25 19.81 -11.04
C SER A 50 14.27 20.90 -11.16
N GLU A 51 14.67 21.27 -12.38
CA GLU A 51 15.68 22.29 -12.45
C GLU A 51 15.29 23.54 -11.75
N LYS A 52 14.03 23.96 -11.94
CA LYS A 52 13.62 25.19 -11.30
C LYS A 52 13.57 25.08 -9.78
N LEU A 53 13.04 23.97 -9.26
CA LEU A 53 12.98 23.84 -7.82
C LEU A 53 14.36 23.77 -7.23
N GLU A 54 15.24 23.03 -7.88
CA GLU A 54 16.57 22.88 -7.36
C GLU A 54 17.27 24.21 -7.35
N ARG A 55 17.08 25.03 -8.39
CA ARG A 55 17.78 26.29 -8.34
C ARG A 55 17.36 27.14 -7.18
N GLU A 56 16.05 27.22 -6.91
CA GLU A 56 15.66 28.09 -5.81
C GLU A 56 16.03 27.48 -4.47
N TRP A 57 15.88 26.18 -4.35
CA TRP A 57 16.21 25.53 -3.11
C TRP A 57 17.67 25.62 -2.82
N ASP A 58 18.50 25.39 -3.82
CA ASP A 58 19.91 25.44 -3.59
C ASP A 58 20.36 26.85 -3.29
N ARG A 59 19.78 27.85 -3.96
CA ARG A 59 20.22 29.20 -3.71
C ARG A 59 19.92 29.61 -2.28
N GLU A 60 18.72 29.28 -1.79
CA GLU A 60 18.38 29.65 -0.44
C GLU A 60 19.10 28.80 0.55
N LEU A 61 19.28 27.53 0.26
CA LEU A 61 19.93 26.67 1.20
C LEU A 61 21.37 27.08 1.34
N ALA A 62 22.01 27.41 0.20
CA ALA A 62 23.38 27.88 0.19
C ALA A 62 23.49 29.19 0.95
N THR A 63 22.47 30.04 0.86
CA THR A 63 22.48 31.31 1.57
C THR A 63 22.09 30.97 2.99
N SER A 64 23.09 30.54 3.75
CA SER A 64 22.92 29.90 5.04
C SER A 64 22.49 30.76 6.20
N LYS A 65 21.30 31.32 6.09
CA LYS A 65 20.78 32.14 7.15
C LYS A 65 20.14 31.28 8.24
N LYS A 66 20.99 30.54 8.92
CA LYS A 66 20.69 29.60 10.00
C LYS A 66 19.83 28.42 9.59
N LYS A 67 18.60 28.72 9.22
CA LYS A 67 17.62 27.72 8.83
C LYS A 67 16.89 28.12 7.57
N PRO A 68 17.47 27.91 6.39
CA PRO A 68 16.87 28.22 5.11
C PRO A 68 15.56 27.47 5.03
N LYS A 69 14.56 27.99 4.34
CA LYS A 69 13.31 27.26 4.32
C LYS A 69 12.77 26.89 2.95
N LEU A 70 12.28 25.66 2.89
CA LEU A 70 11.70 25.08 1.70
C LEU A 70 10.48 25.86 1.27
N ILE A 71 9.74 26.38 2.23
CA ILE A 71 8.53 27.08 1.91
C ILE A 71 8.82 28.32 1.09
N ASN A 72 9.98 28.95 1.29
CA ASN A 72 10.26 30.14 0.55
C ASN A 72 10.69 29.77 -0.85
N ALA A 73 11.42 28.67 -0.96
CA ALA A 73 11.85 28.24 -2.28
C ALA A 73 10.61 27.95 -3.13
N LEU A 74 9.61 27.38 -2.48
CA LEU A 74 8.37 27.07 -3.15
C LEU A 74 7.53 28.29 -3.47
N ARG A 75 7.44 29.29 -2.58
CA ARG A 75 6.54 30.41 -2.91
C ARG A 75 7.07 31.16 -4.12
N ARG A 76 8.38 31.16 -4.33
CA ARG A 76 8.97 31.85 -5.46
C ARG A 76 8.65 31.19 -6.80
N CYS A 77 8.23 29.94 -6.79
CA CYS A 77 7.83 29.22 -7.98
C CYS A 77 6.35 29.39 -8.21
N PHE A 78 5.63 29.07 -7.17
CA PHE A 78 4.17 29.03 -7.05
C PHE A 78 3.39 30.31 -7.29
N PHE A 79 3.80 31.37 -6.62
CA PHE A 79 3.06 32.62 -6.55
C PHE A 79 2.70 33.25 -7.87
N TRP A 80 3.63 33.32 -8.79
CA TRP A 80 3.35 34.01 -10.02
C TRP A 80 2.37 33.32 -10.96
N LYS A 81 1.97 32.10 -10.65
CA LYS A 81 0.91 31.49 -11.45
C LYS A 81 -0.33 31.39 -10.59
N PHE A 82 -0.13 31.03 -9.32
CA PHE A 82 -1.21 30.80 -8.41
C PHE A 82 -2.11 31.99 -8.30
N MET A 83 -1.51 33.17 -8.19
CA MET A 83 -2.27 34.37 -8.01
C MET A 83 -3.15 34.69 -9.19
N PHE A 84 -2.82 34.23 -10.39
CA PHE A 84 -3.65 34.57 -11.49
C PHE A 84 -4.84 33.70 -11.51
N TYR A 85 -4.69 32.45 -11.17
CA TYR A 85 -5.89 31.66 -11.23
C TYR A 85 -6.79 32.12 -10.09
N GLY A 86 -6.17 32.57 -8.99
CA GLY A 86 -6.89 33.06 -7.84
C GLY A 86 -7.77 34.26 -8.21
N ILE A 87 -7.20 35.26 -8.88
CA ILE A 87 -8.03 36.41 -9.19
C ILE A 87 -9.12 36.06 -10.17
N LEU A 88 -8.85 35.16 -11.10
CA LEU A 88 -9.89 34.86 -12.04
C LEU A 88 -11.04 34.19 -11.33
N LEU A 89 -10.77 33.32 -10.37
CA LEU A 89 -11.84 32.67 -9.64
C LEU A 89 -12.63 33.66 -8.82
N TYR A 90 -11.96 34.64 -8.26
CA TYR A 90 -12.65 35.67 -7.51
C TYR A 90 -13.68 36.36 -8.37
N LEU A 91 -13.25 36.76 -9.56
CA LEU A 91 -14.11 37.48 -10.48
C LEU A 91 -15.25 36.58 -10.88
N GLY A 92 -14.97 35.30 -11.01
CA GLY A 92 -16.04 34.40 -11.30
C GLY A 92 -17.07 34.33 -10.17
N GLU A 93 -16.61 34.10 -8.93
CA GLU A 93 -17.51 33.90 -7.79
C GLU A 93 -18.35 35.10 -7.46
N VAL A 94 -17.82 36.31 -7.62
CA VAL A 94 -18.56 37.52 -7.29
C VAL A 94 -19.84 37.64 -8.11
N THR A 95 -19.93 36.93 -9.21
CA THR A 95 -21.12 36.98 -10.03
C THR A 95 -22.35 36.61 -9.20
N LYS A 96 -22.20 35.64 -8.31
CA LYS A 96 -23.30 35.16 -7.52
C LYS A 96 -23.87 36.23 -6.62
N SER A 97 -23.09 37.25 -6.32
CA SER A 97 -23.47 38.31 -5.41
C SER A 97 -24.15 39.43 -6.17
N VAL A 98 -24.21 39.31 -7.48
CA VAL A 98 -24.80 40.30 -8.35
C VAL A 98 -26.14 39.82 -8.88
N GLN A 99 -26.18 38.56 -9.25
CA GLN A 99 -27.36 38.02 -9.89
C GLN A 99 -28.67 38.36 -9.16
N PRO A 100 -28.81 38.22 -7.83
CA PRO A 100 -30.04 38.54 -7.14
C PRO A 100 -30.47 39.99 -7.27
N LEU A 101 -29.53 40.89 -7.56
CA LEU A 101 -29.86 42.29 -7.65
C LEU A 101 -30.60 42.49 -8.92
N LEU A 102 -30.12 41.79 -9.93
CA LEU A 102 -30.73 41.91 -11.20
C LEU A 102 -32.14 41.36 -11.11
N LEU A 103 -32.34 40.24 -10.41
CA LEU A 103 -33.72 39.79 -10.33
C LEU A 103 -34.60 40.75 -9.61
N GLY A 104 -34.14 41.39 -8.56
CA GLY A 104 -35.06 42.30 -7.89
C GLY A 104 -35.57 43.36 -8.86
N ARG A 105 -34.72 43.86 -9.73
CA ARG A 105 -35.18 44.87 -10.66
C ARG A 105 -36.11 44.25 -11.71
N ILE A 106 -35.83 43.02 -12.12
CA ILE A 106 -36.68 42.36 -13.10
C ILE A 106 -38.06 42.16 -12.53
N ILE A 107 -38.13 41.72 -11.28
CA ILE A 107 -39.41 41.48 -10.65
C ILE A 107 -40.18 42.77 -10.58
N ALA A 108 -39.51 43.84 -10.20
CA ALA A 108 -40.14 45.14 -10.10
C ALA A 108 -40.73 45.59 -11.43
N SER A 109 -40.15 45.18 -12.54
CA SER A 109 -40.68 45.62 -13.82
C SER A 109 -42.12 45.12 -14.08
N TYR A 110 -42.59 44.13 -13.33
CA TYR A 110 -43.95 43.62 -13.50
C TYR A 110 -44.91 44.22 -12.49
N ASP A 111 -44.39 45.10 -11.64
CA ASP A 111 -45.20 45.76 -10.65
C ASP A 111 -46.20 46.65 -11.37
N PRO A 112 -47.36 46.95 -10.76
CA PRO A 112 -48.35 47.89 -11.25
C PRO A 112 -47.83 49.33 -11.18
N ASP A 113 -46.75 49.49 -10.41
CA ASP A 113 -46.06 50.75 -10.18
C ASP A 113 -45.35 51.16 -11.45
N ASN A 114 -45.12 52.46 -11.60
CA ASN A 114 -44.37 52.96 -12.75
C ASN A 114 -45.00 52.52 -14.08
N SER A 115 -44.29 51.72 -14.87
CA SER A 115 -44.80 51.31 -16.16
C SER A 115 -44.37 49.92 -16.61
N SER A 116 -45.16 49.34 -17.53
CA SER A 116 -44.91 48.01 -18.08
C SER A 116 -43.88 48.05 -19.19
N GLU A 117 -42.64 48.32 -18.80
CA GLU A 117 -41.58 48.47 -19.77
C GLU A 117 -41.10 47.11 -20.20
N ARG A 118 -41.83 46.55 -21.15
CA ARG A 118 -41.58 45.22 -21.69
C ARG A 118 -40.15 45.09 -22.10
N SER A 119 -39.65 46.12 -22.76
CA SER A 119 -38.29 46.11 -23.27
C SER A 119 -37.27 46.01 -22.17
N ILE A 120 -37.59 46.50 -20.99
CA ILE A 120 -36.60 46.43 -19.94
C ILE A 120 -36.62 45.04 -19.41
N ALA A 121 -37.81 44.48 -19.20
CA ALA A 121 -37.86 43.13 -18.68
C ALA A 121 -37.13 42.19 -19.61
N TYR A 122 -37.30 42.41 -20.90
CA TYR A 122 -36.69 41.61 -21.90
C TYR A 122 -35.16 41.72 -21.84
N TYR A 123 -34.63 42.94 -21.82
CA TYR A 123 -33.19 43.06 -21.85
C TYR A 123 -32.53 42.69 -20.54
N LEU A 124 -33.20 42.92 -19.43
CA LEU A 124 -32.59 42.56 -18.18
C LEU A 124 -32.49 41.04 -18.13
N GLY A 125 -33.52 40.35 -18.64
CA GLY A 125 -33.52 38.89 -18.69
C GLY A 125 -32.35 38.35 -19.49
N ILE A 126 -32.00 39.05 -20.57
CA ILE A 126 -30.86 38.63 -21.34
C ILE A 126 -29.62 38.81 -20.51
N GLY A 127 -29.51 39.94 -19.84
CA GLY A 127 -28.32 40.15 -19.03
C GLY A 127 -28.16 39.05 -17.98
N LEU A 128 -29.27 38.61 -17.40
CA LEU A 128 -29.16 37.59 -16.38
C LEU A 128 -28.66 36.30 -16.94
N CYS A 129 -29.19 35.86 -18.06
CA CYS A 129 -28.68 34.60 -18.54
C CYS A 129 -27.21 34.70 -18.92
N LEU A 130 -26.76 35.90 -19.31
CA LEU A 130 -25.37 36.08 -19.64
C LEU A 130 -24.51 35.97 -18.42
N LEU A 131 -25.01 36.37 -17.26
CA LEU A 131 -24.18 36.26 -16.07
C LEU A 131 -23.87 34.77 -15.79
N PHE A 132 -24.85 33.89 -15.98
CA PHE A 132 -24.60 32.46 -15.86
C PHE A 132 -23.58 31.95 -16.85
N LEU A 133 -23.70 32.40 -18.08
CA LEU A 133 -22.79 31.92 -19.07
C LEU A 133 -21.39 32.40 -18.81
N VAL A 134 -21.26 33.65 -18.45
CA VAL A 134 -19.94 34.17 -18.23
C VAL A 134 -19.24 33.53 -17.07
N ARG A 135 -19.92 33.34 -15.94
CA ARG A 135 -19.14 32.77 -14.87
C ARG A 135 -18.76 31.34 -15.23
N THR A 136 -19.59 30.64 -15.98
CA THR A 136 -19.25 29.28 -16.36
C THR A 136 -17.97 29.26 -17.15
N LEU A 137 -17.90 30.15 -18.11
CA LEU A 137 -16.76 30.24 -19.00
C LEU A 137 -15.49 30.68 -18.30
N LEU A 138 -15.62 31.50 -17.28
CA LEU A 138 -14.45 31.93 -16.55
C LEU A 138 -13.98 30.94 -15.48
N ILE A 139 -14.90 30.43 -14.69
CA ILE A 139 -14.53 29.59 -13.57
C ILE A 139 -13.94 28.27 -13.94
N HIS A 140 -14.54 27.55 -14.87
CA HIS A 140 -13.98 26.23 -15.04
C HIS A 140 -12.52 26.24 -15.47
N PRO A 141 -12.09 27.03 -16.48
CA PRO A 141 -10.70 27.08 -16.87
C PRO A 141 -9.79 27.40 -15.72
N SER A 142 -10.22 28.26 -14.82
CA SER A 142 -9.34 28.59 -13.71
C SER A 142 -9.16 27.42 -12.77
N ILE A 143 -10.22 26.66 -12.53
CA ILE A 143 -10.08 25.52 -11.66
C ILE A 143 -9.11 24.55 -12.29
N PHE A 144 -9.24 24.35 -13.58
CA PHE A 144 -8.35 23.43 -14.23
C PHE A 144 -6.91 23.86 -14.03
N GLY A 145 -6.64 25.16 -14.22
CA GLY A 145 -5.29 25.66 -14.06
C GLY A 145 -4.73 25.39 -12.67
N LEU A 146 -5.55 25.52 -11.63
CA LEU A 146 -5.03 25.26 -10.30
C LEU A 146 -4.63 23.81 -10.15
N HIS A 147 -5.38 22.89 -10.74
CA HIS A 147 -5.00 21.51 -10.59
C HIS A 147 -3.71 21.25 -11.33
N HIS A 148 -3.52 21.95 -12.44
CA HIS A 148 -2.29 21.81 -13.21
C HIS A 148 -1.12 22.20 -12.32
N ILE A 149 -1.25 23.31 -11.59
CA ILE A 149 -0.19 23.75 -10.72
C ILE A 149 0.10 22.72 -9.64
N GLY A 150 -0.94 22.20 -9.01
CA GLY A 150 -0.72 21.24 -7.94
C GLY A 150 0.09 20.07 -8.44
N MET A 151 -0.25 19.58 -9.62
CA MET A 151 0.49 18.49 -10.21
C MET A 151 1.95 18.83 -10.41
N GLN A 152 2.22 20.02 -10.94
CA GLN A 152 3.59 20.40 -11.21
C GLN A 152 4.41 20.46 -9.95
N ILE A 153 3.83 21.00 -8.89
CA ILE A 153 4.58 21.06 -7.66
C ILE A 153 4.82 19.68 -7.12
N ARG A 154 3.82 18.81 -7.12
CA ARG A 154 4.04 17.47 -6.60
C ARG A 154 5.21 16.80 -7.30
N ILE A 155 5.29 16.92 -8.63
CA ILE A 155 6.38 16.27 -9.31
C ILE A 155 7.69 16.87 -8.91
N ALA A 156 7.78 18.18 -8.81
CA ALA A 156 9.04 18.76 -8.42
C ALA A 156 9.45 18.28 -7.02
N LEU A 157 8.49 18.20 -6.10
CA LEU A 157 8.83 17.75 -4.77
C LEU A 157 9.33 16.32 -4.77
N PHE A 158 8.70 15.45 -5.53
CA PHE A 158 9.16 14.08 -5.54
C PHE A 158 10.56 13.93 -6.06
N SER A 159 10.91 14.66 -7.11
CA SER A 159 12.24 14.49 -7.63
C SER A 159 13.26 15.00 -6.64
N LEU A 160 12.92 16.03 -5.88
CA LEU A 160 13.87 16.53 -4.90
C LEU A 160 14.11 15.49 -3.83
N ILE A 161 13.04 14.87 -3.33
CA ILE A 161 13.20 13.88 -2.29
C ILE A 161 14.04 12.72 -2.79
N TYR A 162 13.77 12.24 -3.99
CA TYR A 162 14.52 11.10 -4.49
C TYR A 162 16.01 11.41 -4.51
N LYS A 163 16.36 12.58 -5.02
CA LYS A 163 17.76 12.93 -5.07
C LYS A 163 18.35 12.93 -3.68
N LYS A 164 17.61 13.43 -2.71
CA LYS A 164 18.10 13.42 -1.36
C LYS A 164 18.27 12.02 -0.78
N THR A 165 17.33 11.10 -0.97
CA THR A 165 17.51 9.81 -0.30
C THR A 165 18.78 9.13 -0.76
N LEU A 166 19.17 9.36 -1.99
CA LEU A 166 20.37 8.72 -2.51
C LEU A 166 21.64 9.32 -1.97
N LYS A 167 21.55 10.43 -1.27
CA LYS A 167 22.71 11.06 -0.72
C LYS A 167 22.75 11.05 0.80
N LEU A 168 21.90 10.28 1.47
CA LEU A 168 21.88 10.24 2.94
C LEU A 168 23.06 9.56 3.59
N SER A 169 23.43 10.06 4.76
CA SER A 169 24.45 9.44 5.59
C SER A 169 24.02 8.03 6.01
N SER A 170 24.97 7.11 5.98
CA SER A 170 24.78 5.75 6.45
C SER A 170 24.43 5.62 7.93
N LYS A 171 24.66 6.66 8.73
CA LYS A 171 24.36 6.55 10.15
C LYS A 171 22.87 6.68 10.43
N VAL A 172 22.26 7.70 9.85
CA VAL A 172 20.85 7.97 10.07
C VAL A 172 20.00 6.98 9.32
N LEU A 173 20.62 6.32 8.34
CA LEU A 173 19.98 5.31 7.56
C LEU A 173 19.28 4.23 8.41
N ASP A 174 19.84 3.84 9.55
CA ASP A 174 19.18 2.83 10.38
C ASP A 174 18.28 3.40 11.46
N LYS A 175 18.09 4.71 11.50
CA LYS A 175 17.20 5.34 12.47
C LYS A 175 15.90 5.75 11.82
N ILE A 176 15.94 6.01 10.52
CA ILE A 176 14.73 6.43 9.85
C ILE A 176 13.90 5.21 9.51
N SER A 177 12.73 5.12 10.11
CA SER A 177 11.86 3.98 9.86
C SER A 177 11.53 3.90 8.40
N THR A 178 11.54 2.71 7.84
CA THR A 178 11.29 2.58 6.41
C THR A 178 9.89 2.96 6.01
N GLY A 179 8.95 2.76 6.90
CA GLY A 179 7.57 3.08 6.62
C GLY A 179 7.36 4.57 6.46
N GLN A 180 8.28 5.37 7.00
CA GLN A 180 8.17 6.80 6.91
C GLN A 180 8.55 7.31 5.56
N LEU A 181 9.40 6.61 4.83
CA LEU A 181 9.76 7.16 3.55
C LEU A 181 8.72 6.75 2.57
N VAL A 182 8.10 5.63 2.84
CA VAL A 182 7.07 5.28 1.92
C VAL A 182 5.93 6.26 2.10
N SER A 183 5.55 6.52 3.35
CA SER A 183 4.48 7.46 3.58
C SER A 183 4.87 8.89 3.23
N LEU A 184 6.16 9.24 3.29
CA LEU A 184 6.55 10.57 2.91
C LEU A 184 6.08 10.87 1.52
N LEU A 185 6.21 9.89 0.61
CA LEU A 185 5.72 10.15 -0.73
C LEU A 185 4.26 9.76 -0.95
N SER A 186 3.79 8.69 -0.33
CA SER A 186 2.43 8.30 -0.64
C SER A 186 1.33 9.05 0.12
N ASN A 187 1.63 9.56 1.30
CA ASN A 187 0.60 10.16 2.14
C ASN A 187 -0.15 11.32 1.53
N ASN A 188 0.50 12.12 0.70
CA ASN A 188 -0.17 13.25 0.12
C ASN A 188 -0.29 13.10 -1.37
N LEU A 189 -0.10 11.89 -1.87
CA LEU A 189 -0.14 11.64 -3.29
C LEU A 189 -1.41 12.10 -3.94
N ASN A 190 -2.51 11.84 -3.29
CA ASN A 190 -3.80 12.19 -3.83
C ASN A 190 -4.45 13.34 -3.07
N LYS A 191 -3.67 14.10 -2.32
CA LYS A 191 -4.26 15.21 -1.58
C LYS A 191 -3.70 16.55 -1.97
N PHE A 192 -2.39 16.60 -2.11
CA PHE A 192 -1.70 17.83 -2.35
C PHE A 192 -2.18 18.53 -3.62
N ASP A 193 -2.42 17.77 -4.67
CA ASP A 193 -2.80 18.29 -5.95
C ASP A 193 -4.25 18.71 -6.07
N GLU A 194 -5.07 18.36 -5.09
CA GLU A 194 -6.45 18.76 -5.14
C GLU A 194 -6.62 19.96 -4.26
N GLY A 195 -5.80 20.02 -3.22
CA GLY A 195 -5.91 21.04 -2.21
C GLY A 195 -5.78 22.47 -2.71
N LEU A 196 -5.01 22.71 -3.76
CA LEU A 196 -4.90 24.09 -4.21
C LEU A 196 -6.20 24.62 -4.71
N ALA A 197 -7.12 23.76 -5.08
CA ALA A 197 -8.38 24.17 -5.62
C ALA A 197 -9.12 25.10 -4.69
N LEU A 198 -8.94 24.95 -3.38
CA LEU A 198 -9.64 25.82 -2.46
C LEU A 198 -8.73 26.82 -1.79
N ALA A 199 -7.46 26.83 -2.12
CA ALA A 199 -6.51 27.63 -1.34
C ALA A 199 -6.80 29.12 -1.36
N HIS A 200 -7.24 29.63 -2.49
CA HIS A 200 -7.43 31.07 -2.58
C HIS A 200 -8.74 31.47 -1.88
N PHE A 201 -9.56 30.49 -1.44
CA PHE A 201 -10.77 30.83 -0.73
C PHE A 201 -10.48 31.41 0.61
N VAL A 202 -9.31 31.15 1.20
CA VAL A 202 -9.15 31.78 2.50
C VAL A 202 -9.23 33.26 2.22
N TRP A 203 -8.55 33.69 1.17
CA TRP A 203 -8.58 35.05 0.70
C TRP A 203 -9.94 35.53 0.15
N ILE A 204 -10.63 34.75 -0.68
CA ILE A 204 -11.91 35.25 -1.19
C ILE A 204 -12.99 35.38 -0.17
N ALA A 205 -13.12 34.37 0.67
CA ALA A 205 -14.24 34.32 1.59
C ALA A 205 -14.56 35.64 2.26
N PRO A 206 -13.65 36.35 2.92
CA PRO A 206 -14.01 37.56 3.61
C PRO A 206 -14.43 38.68 2.69
N LEU A 207 -14.12 38.58 1.40
CA LEU A 207 -14.48 39.65 0.51
C LEU A 207 -15.93 39.50 0.16
N GLN A 208 -16.36 38.25 0.04
CA GLN A 208 -17.75 38.06 -0.31
C GLN A 208 -18.58 38.11 0.92
N VAL A 209 -18.02 37.77 2.07
CA VAL A 209 -18.85 37.88 3.22
C VAL A 209 -19.10 39.34 3.47
N ALA A 210 -18.04 40.16 3.40
CA ALA A 210 -18.21 41.57 3.62
C ALA A 210 -19.15 42.21 2.62
N LEU A 211 -19.10 41.79 1.37
CA LEU A 211 -19.98 42.37 0.40
C LEU A 211 -21.42 42.01 0.68
N LEU A 212 -21.67 40.74 0.88
CA LEU A 212 -23.02 40.32 1.07
C LEU A 212 -23.59 40.96 2.31
N MET A 213 -22.77 41.11 3.32
CA MET A 213 -23.19 41.79 4.51
C MET A 213 -23.55 43.22 4.19
N GLY A 214 -22.65 43.91 3.48
CA GLY A 214 -22.80 45.31 3.12
C GLY A 214 -23.94 45.57 2.14
N LEU A 215 -24.40 44.53 1.47
CA LEU A 215 -25.50 44.65 0.55
C LEU A 215 -26.81 44.46 1.24
N LEU A 216 -26.81 44.18 2.53
CA LEU A 216 -28.10 43.95 3.11
C LEU A 216 -29.00 45.17 3.11
N TRP A 217 -30.16 44.96 2.54
CA TRP A 217 -31.22 45.92 2.48
C TRP A 217 -31.91 45.91 3.82
N ASP A 218 -32.30 47.08 4.32
CA ASP A 218 -32.95 47.13 5.63
C ASP A 218 -31.95 46.59 6.63
N MET A 219 -30.73 47.10 6.51
CA MET A 219 -29.57 46.75 7.31
C MET A 219 -29.63 47.09 8.78
N LEU A 220 -30.23 48.22 9.15
CA LEU A 220 -30.18 48.58 10.56
C LEU A 220 -31.03 47.65 11.41
N GLN A 221 -32.15 47.17 10.86
CA GLN A 221 -32.93 46.23 11.63
C GLN A 221 -32.09 45.01 11.41
N ALA A 222 -31.20 44.77 12.34
CA ALA A 222 -30.11 43.87 12.09
C ALA A 222 -30.40 42.40 12.02
N SER A 223 -31.09 42.05 10.95
CA SER A 223 -31.41 40.70 10.57
C SER A 223 -30.08 40.08 10.17
N ALA A 224 -29.11 40.96 9.88
CA ALA A 224 -27.76 40.61 9.56
C ALA A 224 -27.14 39.86 10.67
N PHE A 225 -27.41 40.24 11.91
CA PHE A 225 -26.76 39.54 12.97
C PHE A 225 -27.50 38.27 13.22
N ALA A 226 -28.82 38.29 13.08
CA ALA A 226 -29.49 37.02 13.29
C ALA A 226 -29.00 36.00 12.27
N GLY A 227 -28.84 36.47 11.03
CA GLY A 227 -28.38 35.65 9.95
C GLY A 227 -26.97 35.15 10.18
N LEU A 228 -26.04 36.07 10.40
CA LEU A 228 -24.67 35.68 10.58
C LEU A 228 -24.48 34.87 11.83
N ALA A 229 -25.13 35.22 12.93
CA ALA A 229 -24.93 34.47 14.14
C ALA A 229 -25.32 33.03 13.92
N PHE A 230 -26.40 32.80 13.21
CA PHE A 230 -26.74 31.45 12.94
C PHE A 230 -25.67 30.73 12.11
N LEU A 231 -25.24 31.36 11.01
CA LEU A 231 -24.27 30.68 10.17
C LEU A 231 -22.92 30.47 10.84
N ILE A 232 -22.50 31.44 11.63
CA ILE A 232 -21.22 31.38 12.32
C ILE A 232 -21.21 30.23 13.29
N VAL A 233 -22.28 30.08 14.05
CA VAL A 233 -22.32 29.00 14.98
C VAL A 233 -22.28 27.69 14.23
N MET A 234 -23.04 27.58 13.15
CA MET A 234 -23.00 26.30 12.45
C MET A 234 -21.63 25.98 11.93
N ALA A 235 -20.89 26.99 11.47
CA ALA A 235 -19.57 26.71 10.98
C ALA A 235 -18.64 26.18 12.07
N PHE A 236 -18.70 26.75 13.28
CA PHE A 236 -17.82 26.25 14.32
C PHE A 236 -18.21 24.87 14.75
N PHE A 237 -19.50 24.61 14.75
CA PHE A 237 -19.99 23.31 15.11
C PHE A 237 -19.41 22.29 14.15
N GLN A 238 -19.50 22.61 12.87
CA GLN A 238 -19.00 21.71 11.86
C GLN A 238 -17.50 21.51 11.98
N ALA A 239 -16.77 22.59 12.28
CA ALA A 239 -15.33 22.43 12.39
C ALA A 239 -14.97 21.44 13.49
N TRP A 240 -15.64 21.57 14.62
CA TRP A 240 -15.38 20.65 15.71
C TRP A 240 -15.69 19.23 15.33
N LEU A 241 -16.81 19.04 14.66
CA LEU A 241 -17.21 17.72 14.33
C LEU A 241 -16.20 17.10 13.39
N GLY A 242 -15.71 17.89 12.43
CA GLY A 242 -14.73 17.39 11.51
C GLY A 242 -13.45 16.92 12.22
N GLN A 243 -13.09 17.61 13.30
CA GLN A 243 -11.89 17.22 14.04
C GLN A 243 -12.06 15.84 14.65
N MET A 244 -13.27 15.55 15.11
CA MET A 244 -13.52 14.24 15.70
C MET A 244 -13.44 13.17 14.63
N MET A 245 -13.84 13.53 13.43
CA MET A 245 -13.80 12.58 12.34
C MET A 245 -12.38 12.15 12.09
N MET A 246 -11.45 13.11 12.12
CA MET A 246 -10.07 12.76 11.85
C MET A 246 -9.52 11.83 12.90
N LYS A 247 -9.88 12.05 14.17
CA LYS A 247 -9.38 11.16 15.21
C LYS A 247 -9.72 9.70 14.90
N TYR A 248 -10.94 9.47 14.43
CA TYR A 248 -11.32 8.11 14.17
C TYR A 248 -10.64 7.56 12.94
N ARG A 249 -10.39 8.39 11.95
CA ARG A 249 -9.76 7.87 10.76
C ARG A 249 -8.37 7.37 11.04
N ASP A 250 -7.62 8.09 11.84
CA ASP A 250 -6.26 7.67 12.10
C ASP A 250 -6.18 6.37 12.87
N LYS A 251 -7.05 6.21 13.87
CA LYS A 251 -6.94 4.98 14.62
C LYS A 251 -7.41 3.80 13.79
N ARG A 252 -8.45 4.02 12.99
CA ARG A 252 -8.95 2.94 12.20
C ARG A 252 -7.92 2.49 11.21
N ALA A 253 -7.16 3.43 10.64
CA ALA A 253 -6.17 3.05 9.65
C ALA A 253 -5.19 2.04 10.21
N GLY A 254 -4.80 2.19 11.47
CA GLY A 254 -3.87 1.25 12.06
C GLY A 254 -4.45 -0.17 12.08
N LYS A 255 -5.73 -0.25 12.43
CA LYS A 255 -6.38 -1.56 12.53
C LYS A 255 -6.55 -2.18 11.16
N ILE A 256 -6.78 -1.33 10.16
CA ILE A 256 -6.93 -1.84 8.82
C ILE A 256 -5.69 -2.52 8.37
N ASN A 257 -4.54 -1.90 8.58
CA ASN A 257 -3.36 -2.58 8.12
C ASN A 257 -3.21 -3.94 8.76
N GLU A 258 -3.56 -4.08 10.04
CA GLU A 258 -3.42 -5.41 10.61
C GLU A 258 -4.35 -6.42 9.95
N ARG A 259 -5.58 -6.00 9.66
CA ARG A 259 -6.50 -6.90 9.03
C ARG A 259 -5.99 -7.31 7.66
N LEU A 260 -5.49 -6.35 6.91
CA LEU A 260 -5.03 -6.67 5.58
C LEU A 260 -3.89 -7.66 5.59
N VAL A 261 -2.99 -7.55 6.55
CA VAL A 261 -1.90 -8.49 6.58
C VAL A 261 -2.37 -9.90 6.84
N ILE A 262 -3.27 -10.09 7.80
CA ILE A 262 -3.72 -11.45 8.01
C ILE A 262 -4.46 -11.95 6.78
N THR A 263 -5.19 -11.05 6.13
CA THR A 263 -5.96 -11.43 4.98
C THR A 263 -5.09 -11.97 3.85
N SER A 264 -4.03 -11.25 3.47
CA SER A 264 -3.25 -11.78 2.36
C SER A 264 -2.52 -13.05 2.75
N GLU A 265 -2.19 -13.20 4.04
CA GLU A 265 -1.54 -14.41 4.51
C GLU A 265 -2.41 -15.61 4.26
N ILE A 266 -3.68 -15.46 4.54
CA ILE A 266 -4.63 -16.53 4.32
C ILE A 266 -4.85 -16.81 2.85
N ILE A 267 -5.03 -15.77 2.06
CA ILE A 267 -5.34 -15.92 0.64
C ILE A 267 -4.28 -16.67 -0.11
N GLU A 268 -3.03 -16.39 0.12
CA GLU A 268 -2.02 -17.08 -0.65
C GLU A 268 -1.72 -18.49 -0.19
N ASN A 269 -2.34 -18.96 0.89
CA ASN A 269 -2.06 -20.28 1.39
C ASN A 269 -3.34 -21.08 1.61
N ILE A 270 -4.29 -21.00 0.69
CA ILE A 270 -5.56 -21.65 0.95
C ILE A 270 -5.44 -23.15 1.01
N GLN A 271 -4.50 -23.71 0.26
CA GLN A 271 -4.34 -25.14 0.26
C GLN A 271 -3.90 -25.66 1.60
N SER A 272 -3.19 -24.86 2.41
CA SER A 272 -2.75 -25.42 3.65
C SER A 272 -3.86 -25.34 4.63
N VAL A 273 -4.67 -24.30 4.52
CA VAL A 273 -5.76 -24.16 5.45
C VAL A 273 -6.73 -25.30 5.24
N LYS A 274 -7.01 -25.59 3.97
CA LYS A 274 -7.92 -26.67 3.68
C LYS A 274 -7.29 -28.00 4.08
N ALA A 275 -5.99 -28.17 3.83
CA ALA A 275 -5.35 -29.42 4.17
C ALA A 275 -5.36 -29.65 5.67
N TYR A 276 -5.16 -28.58 6.43
CA TYR A 276 -5.17 -28.70 7.86
C TYR A 276 -6.55 -28.93 8.36
N CYS A 277 -7.57 -28.48 7.61
CA CYS A 277 -8.95 -28.54 8.03
C CYS A 277 -9.02 -27.65 9.26
N TRP A 278 -8.37 -26.51 9.09
CA TRP A 278 -8.24 -25.45 10.05
C TRP A 278 -9.49 -24.61 9.90
N GLU A 279 -9.79 -24.26 8.65
CA GLU A 279 -11.04 -23.62 8.29
C GLU A 279 -11.58 -22.51 9.19
N ASP A 280 -12.63 -22.83 9.96
CA ASP A 280 -13.34 -21.83 10.70
C ASP A 280 -12.55 -21.18 11.81
N ALA A 281 -11.50 -21.81 12.29
CA ALA A 281 -10.73 -21.07 13.26
C ALA A 281 -10.16 -19.84 12.56
N MET A 282 -9.78 -20.01 11.30
CA MET A 282 -9.18 -18.94 10.58
C MET A 282 -10.23 -17.88 10.34
N GLU A 283 -11.46 -18.33 10.11
CA GLU A 283 -12.59 -17.43 9.87
C GLU A 283 -12.79 -16.53 11.08
N LYS A 284 -12.60 -17.10 12.27
CA LYS A 284 -12.74 -16.35 13.50
C LYS A 284 -11.64 -15.33 13.66
N MET A 285 -10.43 -15.65 13.22
CA MET A 285 -9.39 -14.63 13.32
C MET A 285 -9.79 -13.43 12.50
N ILE A 286 -10.34 -13.68 11.32
CA ILE A 286 -10.76 -12.57 10.50
C ILE A 286 -11.84 -11.80 11.22
N GLU A 287 -12.77 -12.53 11.83
CA GLU A 287 -13.87 -11.89 12.53
C GLU A 287 -13.39 -10.93 13.62
N SER A 288 -12.40 -11.32 14.44
CA SER A 288 -12.01 -10.40 15.52
C SER A 288 -11.37 -9.12 14.98
N LEU A 289 -10.67 -9.23 13.85
CA LEU A 289 -10.08 -8.02 13.31
C LEU A 289 -11.14 -7.15 12.71
N ARG A 290 -12.13 -7.77 12.07
CA ARG A 290 -13.22 -7.03 11.46
C ARG A 290 -14.05 -6.34 12.54
N GLU A 291 -14.26 -7.03 13.66
CA GLU A 291 -15.09 -6.47 14.71
C GLU A 291 -14.42 -5.24 15.28
N THR A 292 -13.11 -5.29 15.45
CA THR A 292 -12.41 -4.14 15.96
C THR A 292 -12.58 -2.94 15.04
N GLU A 293 -12.44 -3.15 13.73
CA GLU A 293 -12.59 -2.02 12.82
C GLU A 293 -13.99 -1.45 12.86
N LEU A 294 -14.99 -2.32 12.95
CA LEU A 294 -16.34 -1.84 12.95
C LEU A 294 -16.68 -1.04 14.15
N LYS A 295 -16.21 -1.43 15.32
CA LYS A 295 -16.51 -0.60 16.44
C LYS A 295 -16.08 0.85 16.14
N LEU A 296 -14.86 1.02 15.62
CA LEU A 296 -14.43 2.39 15.32
C LEU A 296 -15.21 3.00 14.17
N THR A 297 -15.55 2.19 13.19
CA THR A 297 -16.26 2.69 12.03
C THR A 297 -17.63 3.19 12.41
N ARG A 298 -18.34 2.43 13.24
CA ARG A 298 -19.66 2.84 13.66
C ARG A 298 -19.60 4.23 14.23
N LYS A 299 -18.61 4.52 15.07
CA LYS A 299 -18.59 5.84 15.64
C LYS A 299 -18.32 6.87 14.55
N ALA A 300 -17.45 6.54 13.61
CA ALA A 300 -17.17 7.48 12.54
C ALA A 300 -18.43 7.74 11.70
N ALA A 301 -19.24 6.71 11.52
CA ALA A 301 -20.45 6.82 10.73
C ALA A 301 -21.40 7.83 11.30
N TYR A 302 -21.53 7.88 12.62
CA TYR A 302 -22.44 8.85 13.18
C TYR A 302 -21.90 10.24 13.01
N VAL A 303 -20.59 10.37 13.00
CA VAL A 303 -20.05 11.69 12.82
C VAL A 303 -20.49 12.19 11.45
N ARG A 304 -20.41 11.31 10.47
CA ARG A 304 -20.81 11.69 9.12
C ARG A 304 -22.31 11.96 9.01
N TYR A 305 -23.12 11.16 9.68
CA TYR A 305 -24.56 11.35 9.65
C TYR A 305 -24.97 12.71 10.12
N PHE A 306 -24.47 13.09 11.28
CA PHE A 306 -24.87 14.35 11.83
C PHE A 306 -24.31 15.49 11.02
N ASN A 307 -23.14 15.32 10.43
CA ASN A 307 -22.60 16.38 9.63
C ASN A 307 -23.58 16.72 8.51
N SER A 308 -24.05 15.68 7.82
CA SER A 308 -24.98 15.91 6.73
C SER A 308 -26.33 16.45 7.19
N SER A 309 -26.89 15.93 8.28
CA SER A 309 -28.18 16.46 8.67
C SER A 309 -28.04 17.89 9.14
N ALA A 310 -26.89 18.23 9.74
CA ALA A 310 -26.65 19.58 10.17
C ALA A 310 -26.65 20.53 8.99
N PHE A 311 -26.08 20.06 7.89
CA PHE A 311 -26.05 20.87 6.70
C PHE A 311 -27.48 21.21 6.29
N PHE A 312 -28.35 20.21 6.26
CA PHE A 312 -29.74 20.45 5.90
C PHE A 312 -30.41 21.46 6.82
N PHE A 313 -30.20 21.26 8.12
CA PHE A 313 -30.73 22.11 9.15
C PHE A 313 -30.39 23.58 8.90
N SER A 314 -29.13 23.84 8.57
CA SER A 314 -28.73 25.22 8.34
C SER A 314 -29.43 25.83 7.14
N GLY A 315 -29.76 25.02 6.16
CA GLY A 315 -30.45 25.54 5.00
C GLY A 315 -31.76 26.11 5.44
N PHE A 316 -32.50 25.32 6.18
CA PHE A 316 -33.79 25.76 6.64
C PHE A 316 -33.71 27.04 7.43
N PHE A 317 -32.80 27.10 8.41
CA PHE A 317 -32.75 28.28 9.21
C PHE A 317 -32.25 29.54 8.58
N VAL A 318 -31.35 29.49 7.62
CA VAL A 318 -31.00 30.81 7.13
C VAL A 318 -32.23 31.37 6.41
N VAL A 319 -32.98 30.50 5.71
CA VAL A 319 -34.17 30.97 5.01
C VAL A 319 -35.26 31.42 5.97
N PHE A 320 -35.49 30.65 7.00
CA PHE A 320 -36.49 30.97 7.98
C PHE A 320 -36.19 32.26 8.70
N LEU A 321 -34.96 32.43 9.17
CA LEU A 321 -34.64 33.62 9.91
C LEU A 321 -34.75 34.83 9.02
N ALA A 322 -34.42 34.66 7.75
CA ALA A 322 -34.42 35.73 6.77
C ALA A 322 -35.80 36.32 6.55
N VAL A 323 -36.87 35.63 6.91
CA VAL A 323 -38.17 36.19 6.66
C VAL A 323 -38.85 36.70 7.90
N VAL A 324 -38.14 36.56 9.02
CA VAL A 324 -38.59 37.10 10.30
C VAL A 324 -38.77 38.62 10.26
N PRO A 325 -37.90 39.34 9.53
CA PRO A 325 -38.18 40.78 9.46
C PRO A 325 -39.55 41.09 8.86
N TYR A 326 -39.97 40.33 7.85
CA TYR A 326 -41.09 40.77 7.04
C TYR A 326 -42.37 40.39 7.77
N ALA A 327 -42.28 39.34 8.60
CA ALA A 327 -43.42 38.94 9.39
C ALA A 327 -43.56 39.95 10.51
N VAL A 328 -42.43 40.43 10.97
CA VAL A 328 -42.47 41.35 12.06
C VAL A 328 -42.58 42.76 11.58
N THR A 329 -43.81 43.23 11.62
CA THR A 329 -44.21 44.57 11.20
C THR A 329 -43.94 44.82 9.74
N LYS A 330 -44.61 45.82 9.16
CA LYS A 330 -44.46 46.26 7.74
C LYS A 330 -45.08 45.29 6.75
N GLY A 331 -44.82 44.02 6.93
CA GLY A 331 -45.39 43.00 6.09
C GLY A 331 -44.50 42.65 4.93
N ILE A 332 -45.09 42.01 3.94
CA ILE A 332 -44.26 41.47 2.90
C ILE A 332 -44.22 42.29 1.62
N ILE A 333 -43.00 42.44 1.15
CA ILE A 333 -42.72 43.07 -0.12
C ILE A 333 -42.09 41.99 -0.96
N LEU A 334 -42.78 41.47 -1.97
CA LEU A 334 -42.22 40.34 -2.69
C LEU A 334 -40.92 40.73 -3.36
N ARG A 335 -40.88 41.96 -3.80
CA ARG A 335 -39.73 42.52 -4.47
C ARG A 335 -38.48 42.34 -3.60
N LYS A 336 -38.63 42.48 -2.28
CA LYS A 336 -37.50 42.38 -1.41
C LYS A 336 -37.35 40.97 -0.87
N ILE A 337 -38.45 40.25 -0.71
CA ILE A 337 -38.35 38.91 -0.18
C ILE A 337 -37.60 38.01 -1.10
N PHE A 338 -37.92 38.07 -2.38
CA PHE A 338 -37.26 37.21 -3.32
C PHE A 338 -35.78 37.52 -3.38
N THR A 339 -35.47 38.79 -3.32
CA THR A 339 -34.11 39.23 -3.40
C THR A 339 -33.36 38.74 -2.17
N THR A 340 -34.01 38.88 -1.02
CA THR A 340 -33.42 38.51 0.24
C THR A 340 -33.05 37.04 0.28
N ILE A 341 -33.94 36.19 -0.16
CA ILE A 341 -33.61 34.79 -0.05
C ILE A 341 -32.46 34.41 -0.92
N SER A 342 -32.40 34.92 -2.13
CA SER A 342 -31.27 34.53 -2.95
C SER A 342 -29.95 34.92 -2.30
N PHE A 343 -29.90 36.10 -1.68
CA PHE A 343 -28.64 36.47 -1.05
C PHE A 343 -28.33 35.57 0.13
N CYS A 344 -29.36 35.16 0.85
CA CYS A 344 -29.17 34.31 2.02
C CYS A 344 -28.55 32.99 1.62
N ILE A 345 -28.96 32.47 0.48
CA ILE A 345 -28.42 31.21 0.00
C ILE A 345 -26.95 31.35 -0.28
N VAL A 346 -26.57 32.45 -0.91
CA VAL A 346 -25.17 32.61 -1.24
C VAL A 346 -24.35 32.66 0.04
N LEU A 347 -24.79 33.41 1.05
CA LEU A 347 -24.01 33.41 2.26
C LEU A 347 -23.89 32.05 2.86
N ARG A 348 -24.97 31.29 2.89
CA ARG A 348 -24.83 30.00 3.49
C ARG A 348 -23.68 29.24 2.90
N MET A 349 -23.63 29.18 1.58
CA MET A 349 -22.60 28.34 1.02
C MET A 349 -21.19 28.86 1.15
N THR A 350 -20.98 30.16 1.00
CA THR A 350 -19.61 30.61 1.10
C THR A 350 -19.11 30.55 2.54
N VAL A 351 -20.02 30.78 3.47
CA VAL A 351 -19.69 30.81 4.86
C VAL A 351 -19.48 29.44 5.45
N THR A 352 -20.34 28.47 5.13
CA THR A 352 -20.20 27.17 5.78
C THR A 352 -19.37 26.18 4.98
N ARG A 353 -19.23 26.32 3.66
CA ARG A 353 -18.47 25.31 2.97
C ARG A 353 -17.21 25.84 2.28
N GLN A 354 -17.32 26.95 1.55
CA GLN A 354 -16.12 27.35 0.82
C GLN A 354 -15.00 27.82 1.73
N PHE A 355 -15.35 28.58 2.75
CA PHE A 355 -14.30 29.03 3.63
C PHE A 355 -13.61 27.94 4.42
N PRO A 356 -14.27 27.17 5.30
CA PRO A 356 -13.58 26.22 6.12
C PRO A 356 -12.88 25.14 5.31
N GLY A 357 -13.35 24.84 4.09
CA GLY A 357 -12.64 23.85 3.32
C GLY A 357 -11.23 24.29 3.01
N SER A 358 -11.05 25.60 2.78
CA SER A 358 -9.75 26.12 2.42
C SER A 358 -8.91 26.21 3.63
N VAL A 359 -9.54 26.43 4.76
CA VAL A 359 -8.77 26.57 5.95
C VAL A 359 -8.13 25.26 6.30
N GLN A 360 -8.92 24.19 6.24
CA GLN A 360 -8.38 22.89 6.57
C GLN A 360 -7.33 22.46 5.59
N THR A 361 -7.58 22.74 4.32
CA THR A 361 -6.67 22.31 3.30
C THR A 361 -5.35 23.00 3.40
N TRP A 362 -5.41 24.30 3.59
CA TRP A 362 -4.24 25.13 3.63
C TRP A 362 -3.38 24.73 4.81
N TYR A 363 -4.01 24.56 5.96
CA TYR A 363 -3.24 24.18 7.13
C TYR A 363 -2.52 22.85 6.96
N ASP A 364 -3.22 21.84 6.47
CA ASP A 364 -2.60 20.53 6.32
C ASP A 364 -1.48 20.52 5.31
N SER A 365 -1.63 21.30 4.24
CA SER A 365 -0.60 21.37 3.24
C SER A 365 0.68 21.89 3.85
N ILE A 366 0.56 22.91 4.70
CA ILE A 366 1.73 23.45 5.33
C ILE A 366 2.43 22.41 6.18
N GLY A 367 1.67 21.66 6.96
CA GLY A 367 2.31 20.64 7.77
C GLY A 367 3.08 19.64 6.90
N ALA A 368 2.53 19.26 5.75
CA ALA A 368 3.23 18.32 4.88
C ALA A 368 4.56 18.89 4.41
N ILE A 369 4.58 20.17 4.09
CA ILE A 369 5.80 20.77 3.63
C ILE A 369 6.82 20.77 4.73
N ASN A 370 6.40 21.07 5.94
CA ASN A 370 7.36 21.08 7.02
C ASN A 370 8.00 19.71 7.19
N LYS A 371 7.21 18.64 7.06
CA LYS A 371 7.79 17.31 7.20
C LYS A 371 8.80 17.02 6.11
N ILE A 372 8.53 17.49 4.90
CA ILE A 372 9.48 17.26 3.82
C ILE A 372 10.76 17.96 4.16
N GLN A 373 10.67 19.20 4.61
CA GLN A 373 11.88 19.92 4.95
C GLN A 373 12.68 19.23 6.03
N ASP A 374 12.01 18.73 7.06
CA ASP A 374 12.77 18.05 8.10
C ASP A 374 13.55 16.89 7.53
N PHE A 375 12.93 16.17 6.60
CA PHE A 375 13.63 15.09 5.93
C PHE A 375 14.81 15.59 5.11
N LEU A 376 14.61 16.65 4.36
CA LEU A 376 15.70 17.12 3.53
C LEU A 376 16.87 17.58 4.39
N LEU A 377 16.59 18.13 5.54
CA LEU A 377 17.66 18.62 6.38
C LEU A 377 18.21 17.57 7.34
N LYS A 378 18.82 16.55 6.74
CA LYS A 378 19.45 15.40 7.40
C LYS A 378 20.88 15.22 6.91
N GLU A 379 21.73 14.63 7.75
CA GLU A 379 23.13 14.39 7.40
C GLU A 379 23.34 13.59 6.13
N GLU A 380 24.20 14.13 5.29
CA GLU A 380 24.63 13.62 4.00
C GLU A 380 25.72 12.57 3.99
N TYR A 381 25.73 11.81 2.94
CA TYR A 381 26.84 10.97 2.60
C TYR A 381 27.98 11.89 2.20
N LYS A 382 29.13 11.68 2.77
CA LYS A 382 30.27 12.49 2.42
C LYS A 382 31.06 11.84 1.32
N ALA A 383 31.22 12.56 0.22
CA ALA A 383 31.93 12.04 -0.94
C ALA A 383 33.38 11.73 -0.65
N LEU A 384 33.84 10.66 -1.30
CA LEU A 384 35.21 10.19 -1.26
C LEU A 384 36.05 10.98 -2.25
N GLU A 385 37.23 11.44 -1.82
CA GLU A 385 38.11 12.16 -2.74
C GLU A 385 39.11 11.24 -3.43
N TYR A 386 38.96 11.13 -4.75
CA TYR A 386 39.81 10.25 -5.54
C TYR A 386 41.10 10.93 -5.82
N ASN A 387 42.15 10.15 -5.83
CA ASN A 387 43.45 10.72 -6.01
C ASN A 387 44.41 9.71 -6.61
N LEU A 388 45.62 10.16 -6.83
CA LEU A 388 46.68 9.34 -7.38
C LEU A 388 47.78 9.11 -6.35
N THR A 389 47.42 9.17 -5.08
CA THR A 389 48.37 9.04 -4.00
C THR A 389 49.06 7.69 -3.97
N THR A 390 48.31 6.63 -4.18
CA THR A 390 48.89 5.30 -4.11
C THR A 390 48.35 4.33 -5.11
N THR A 391 48.91 3.14 -5.02
CA THR A 391 48.58 1.98 -5.81
C THR A 391 47.95 0.88 -4.95
N GLY A 392 48.25 0.92 -3.67
CA GLY A 392 47.77 -0.05 -2.71
C GLY A 392 46.69 0.54 -1.79
N VAL A 393 46.58 -0.05 -0.60
CA VAL A 393 45.62 0.36 0.43
C VAL A 393 46.31 0.51 1.79
N GLU A 394 46.10 1.63 2.47
CA GLU A 394 46.72 1.78 3.79
C GLU A 394 45.77 2.31 4.82
N VAL A 395 45.92 1.83 6.03
CA VAL A 395 45.11 2.34 7.12
C VAL A 395 46.03 2.68 8.28
N ASP A 396 45.93 3.92 8.73
CA ASP A 396 46.78 4.44 9.80
C ASP A 396 46.08 4.64 11.13
N LYS A 397 46.27 3.69 12.06
CA LYS A 397 45.67 3.79 13.39
C LYS A 397 44.21 4.14 13.38
N VAL A 398 43.41 3.43 12.61
CA VAL A 398 42.04 3.83 12.58
C VAL A 398 41.21 3.27 13.69
N THR A 399 40.50 4.18 14.32
CA THR A 399 39.55 3.86 15.36
C THR A 399 38.23 4.48 14.94
N ALA A 400 37.16 3.71 14.99
CA ALA A 400 35.91 4.25 14.48
C ALA A 400 34.68 3.59 15.02
N PHE A 401 33.57 4.31 14.99
CA PHE A 401 32.33 3.73 15.43
C PHE A 401 31.11 4.29 14.69
N TRP A 402 30.02 3.52 14.69
CA TRP A 402 28.81 3.92 13.99
C TRP A 402 28.06 5.11 14.56
N ASP A 403 27.94 5.19 15.89
CA ASP A 403 27.12 6.22 16.48
C ASP A 403 27.54 6.61 17.88
N GLU A 404 26.86 7.59 18.39
CA GLU A 404 27.12 8.01 19.73
C GLU A 404 26.56 6.90 20.55
N HIS A 405 27.01 6.76 21.75
CA HIS A 405 26.62 5.69 22.66
C HIS A 405 27.14 4.33 22.18
N ALA A 406 27.96 4.29 21.13
CA ALA A 406 28.49 3.02 20.68
C ALA A 406 29.63 2.46 21.52
N SER A 407 29.52 1.16 21.73
CA SER A 407 30.58 0.30 22.23
C SER A 407 31.29 -0.41 21.04
N PRO A 408 30.63 -0.62 19.84
CA PRO A 408 31.23 -1.28 18.68
C PRO A 408 32.23 -0.40 17.96
N VAL A 409 33.25 -0.04 18.68
CA VAL A 409 34.24 0.83 18.16
C VAL A 409 35.32 -0.07 17.60
N LEU A 410 35.67 0.07 16.35
CA LEU A 410 36.75 -0.77 15.90
C LEU A 410 37.97 -0.09 16.41
N GLN A 411 38.88 -0.86 16.98
CA GLN A 411 40.07 -0.25 17.56
C GLN A 411 41.39 -0.55 16.88
N ASP A 412 42.21 0.49 16.71
CA ASP A 412 43.58 0.36 16.20
C ASP A 412 43.70 -0.48 14.93
N ILE A 413 42.96 -0.13 13.90
CA ILE A 413 42.99 -0.88 12.69
C ILE A 413 44.15 -0.40 11.82
N ASN A 414 44.99 -1.34 11.38
CA ASN A 414 46.15 -1.00 10.58
C ASN A 414 46.39 -1.91 9.38
N PHE A 415 46.57 -1.29 8.21
CA PHE A 415 46.85 -2.02 6.97
C PHE A 415 47.92 -1.40 6.10
N LYS A 416 48.61 -2.26 5.36
CA LYS A 416 49.50 -1.83 4.29
C LYS A 416 49.51 -2.89 3.22
N ILE A 417 48.70 -2.65 2.19
CA ILE A 417 48.48 -3.63 1.14
C ILE A 417 49.08 -3.12 -0.15
N GLU A 418 49.91 -3.92 -0.79
CA GLU A 418 50.52 -3.51 -2.04
C GLU A 418 49.59 -3.78 -3.20
N LYS A 419 49.82 -3.11 -4.31
CA LYS A 419 49.00 -3.32 -5.46
C LYS A 419 49.06 -4.78 -5.88
N GLY A 420 47.89 -5.35 -6.13
CA GLY A 420 47.82 -6.73 -6.61
C GLY A 420 47.80 -7.81 -5.52
N GLU A 421 47.88 -7.41 -4.25
CA GLU A 421 47.88 -8.39 -3.15
C GLU A 421 46.49 -8.86 -2.73
N LEU A 422 46.45 -10.10 -2.21
CA LEU A 422 45.22 -10.70 -1.69
C LEU A 422 45.10 -10.71 -0.18
N LEU A 423 44.06 -10.04 0.31
CA LEU A 423 43.79 -9.99 1.75
C LEU A 423 42.61 -10.87 2.08
N ALA A 424 42.79 -11.74 3.05
CA ALA A 424 41.69 -12.58 3.48
C ALA A 424 41.31 -12.25 4.90
N VAL A 425 40.03 -11.96 5.10
CA VAL A 425 39.56 -11.60 6.43
C VAL A 425 38.47 -12.51 6.95
N SER A 426 38.62 -12.86 8.21
CA SER A 426 37.69 -13.70 8.93
C SER A 426 37.54 -13.16 10.34
N GLY A 427 36.66 -13.76 11.12
CA GLY A 427 36.47 -13.29 12.47
C GLY A 427 35.11 -13.68 12.99
N SER A 428 34.87 -13.29 14.25
CA SER A 428 33.61 -13.52 14.92
C SER A 428 32.51 -12.71 14.24
N THR A 429 31.31 -13.30 14.18
CA THR A 429 30.13 -12.59 13.71
C THR A 429 29.91 -11.35 14.58
N GLY A 430 29.80 -10.21 13.93
CA GLY A 430 29.54 -8.94 14.58
C GLY A 430 30.81 -8.16 14.87
N SER A 431 32.02 -8.72 14.75
CA SER A 431 33.26 -7.97 15.05
C SER A 431 33.75 -7.14 13.85
N GLY A 432 32.86 -6.41 13.19
CA GLY A 432 33.22 -5.55 12.07
C GLY A 432 33.69 -6.32 10.82
N LYS A 433 33.18 -7.55 10.62
CA LYS A 433 33.43 -8.40 9.45
C LYS A 433 33.16 -7.73 8.08
N THR A 434 32.04 -6.99 7.93
CA THR A 434 31.70 -6.13 6.80
C THR A 434 31.74 -4.61 7.10
N SER A 435 31.70 -4.15 8.35
CA SER A 435 31.82 -2.73 8.75
C SER A 435 33.18 -2.19 8.40
N LEU A 436 34.19 -3.09 8.37
CA LEU A 436 35.48 -2.74 7.86
C LEU A 436 35.40 -2.26 6.42
N LEU A 437 34.58 -2.90 5.61
CA LEU A 437 34.47 -2.57 4.21
C LEU A 437 33.85 -1.19 4.08
N MET A 438 32.96 -0.85 5.02
CA MET A 438 32.33 0.45 4.96
C MET A 438 33.36 1.52 5.26
N LEU A 439 34.34 1.19 6.10
CA LEU A 439 35.38 2.17 6.32
C LEU A 439 36.22 2.30 5.06
N ILE A 440 36.50 1.18 4.44
CA ILE A 440 37.34 1.18 3.24
C ILE A 440 36.73 2.01 2.14
N MET A 441 35.44 1.87 1.93
CA MET A 441 34.75 2.59 0.88
C MET A 441 34.37 4.01 1.24
N GLY A 442 34.67 4.44 2.46
CA GLY A 442 34.34 5.77 2.90
C GLY A 442 32.90 5.99 3.36
N GLU A 443 32.14 4.93 3.66
CA GLU A 443 30.77 5.11 4.11
C GLU A 443 30.79 5.52 5.56
N LEU A 444 31.75 4.96 6.29
CA LEU A 444 31.88 5.29 7.68
C LEU A 444 33.18 6.04 7.90
N GLU A 445 33.10 7.22 8.50
CA GLU A 445 34.30 7.99 8.76
C GLU A 445 35.01 7.50 10.00
N PRO A 446 36.35 7.62 10.07
CA PRO A 446 37.14 7.31 11.22
C PRO A 446 36.91 8.37 12.26
N SER A 447 37.05 8.04 13.54
CA SER A 447 37.01 9.11 14.53
C SER A 447 38.43 9.61 14.66
N GLU A 448 39.35 8.68 14.43
CA GLU A 448 40.79 8.90 14.46
C GLU A 448 41.44 8.11 13.34
N GLY A 449 42.56 8.62 12.83
CA GLY A 449 43.36 7.89 11.85
C GLY A 449 43.01 8.24 10.41
N LYS A 450 43.73 7.62 9.49
CA LYS A 450 43.55 7.90 8.05
C LYS A 450 43.33 6.64 7.22
N ILE A 451 42.58 6.80 6.13
CA ILE A 451 42.43 5.72 5.17
C ILE A 451 42.86 6.20 3.81
N LYS A 452 43.75 5.44 3.19
CA LYS A 452 44.29 5.76 1.89
C LYS A 452 43.96 4.64 0.91
N HIS A 453 43.56 5.01 -0.29
CA HIS A 453 43.24 4.02 -1.29
C HIS A 453 43.62 4.51 -2.65
N SER A 454 43.75 3.56 -3.56
CA SER A 454 44.07 3.87 -4.92
C SER A 454 42.87 3.70 -5.79
N GLY A 455 42.40 4.79 -6.36
CA GLY A 455 41.31 4.72 -7.30
C GLY A 455 39.93 4.24 -6.82
N ARG A 456 39.24 3.66 -7.82
CA ARG A 456 37.85 3.22 -7.78
C ARG A 456 37.66 1.83 -7.21
N ILE A 457 36.51 1.64 -6.54
CA ILE A 457 36.19 0.38 -5.90
C ILE A 457 34.96 -0.33 -6.43
N SER A 458 35.11 -1.61 -6.73
CA SER A 458 33.99 -2.45 -7.14
C SER A 458 33.57 -3.32 -5.97
N PHE A 459 32.32 -3.16 -5.55
CA PHE A 459 31.81 -3.85 -4.38
C PHE A 459 30.60 -4.74 -4.56
N SER A 460 30.74 -5.96 -4.04
CA SER A 460 29.67 -6.97 -4.04
C SER A 460 29.22 -7.26 -2.61
N PRO A 461 28.03 -6.82 -2.18
CA PRO A 461 27.45 -6.94 -0.84
C PRO A 461 27.00 -8.34 -0.50
N GLN A 462 26.86 -8.60 0.80
CA GLN A 462 26.37 -9.87 1.31
C GLN A 462 25.00 -10.25 0.76
N VAL A 463 24.14 -9.23 0.63
CA VAL A 463 22.80 -9.49 0.18
C VAL A 463 22.61 -8.90 -1.19
N SER A 464 22.30 -9.76 -2.15
CA SER A 464 22.12 -9.35 -3.52
C SER A 464 21.00 -8.38 -3.75
N TRP A 465 21.24 -7.49 -4.69
CA TRP A 465 20.32 -6.49 -5.12
C TRP A 465 19.66 -6.99 -6.38
N ILE A 466 18.35 -7.20 -6.33
CA ILE A 466 17.66 -7.78 -7.45
C ILE A 466 17.70 -7.01 -8.75
N MET A 467 17.73 -5.69 -8.71
CA MET A 467 17.79 -4.93 -9.94
C MET A 467 16.77 -5.44 -10.96
N PRO A 468 15.46 -5.32 -10.71
CA PRO A 468 14.47 -5.90 -11.61
C PRO A 468 14.75 -5.36 -13.00
N GLY A 469 14.69 -6.24 -14.00
CA GLY A 469 15.00 -5.84 -15.37
C GLY A 469 15.78 -6.91 -16.15
N THR A 470 16.33 -6.51 -17.28
CA THR A 470 17.04 -7.42 -18.17
C THR A 470 18.24 -8.03 -17.46
N ILE A 471 18.37 -9.36 -17.51
CA ILE A 471 19.48 -9.99 -16.84
C ILE A 471 20.84 -9.63 -17.46
N LYS A 472 20.98 -9.68 -18.79
CA LYS A 472 22.26 -9.26 -19.34
C LYS A 472 22.65 -7.89 -18.85
N GLU A 473 21.67 -6.98 -18.81
CA GLU A 473 21.91 -5.60 -18.39
C GLU A 473 22.39 -5.48 -16.94
N ASN A 474 21.85 -6.26 -16.02
CA ASN A 474 22.35 -6.31 -14.66
C ASN A 474 23.81 -6.76 -14.62
N ILE A 475 24.17 -7.74 -15.43
CA ILE A 475 25.54 -8.21 -15.44
C ILE A 475 26.49 -7.10 -15.87
N ILE A 476 26.12 -6.36 -16.91
CA ILE A 476 26.96 -5.30 -17.44
C ILE A 476 26.40 -3.93 -17.08
N PHE A 477 25.66 -3.83 -16.00
CA PHE A 477 25.01 -2.58 -15.72
C PHE A 477 25.88 -1.36 -15.56
N GLY A 478 25.48 -0.33 -16.32
CA GLY A 478 26.07 0.99 -16.34
C GLY A 478 27.32 1.09 -17.20
N VAL A 479 27.68 0.01 -17.86
CA VAL A 479 28.87 -0.01 -18.67
C VAL A 479 28.61 -0.52 -20.07
N SER A 480 29.55 -0.26 -20.97
CA SER A 480 29.42 -0.72 -22.33
C SER A 480 29.49 -2.24 -22.43
N TYR A 481 28.73 -2.77 -23.38
CA TYR A 481 28.79 -4.18 -23.70
C TYR A 481 29.98 -4.47 -24.57
N ASP A 482 30.72 -5.48 -24.19
CA ASP A 482 31.86 -5.98 -24.93
C ASP A 482 31.84 -7.47 -24.78
N GLU A 483 31.61 -8.18 -25.88
CA GLU A 483 31.46 -9.62 -25.82
C GLU A 483 32.74 -10.30 -25.37
N TYR A 484 33.90 -9.66 -25.54
CA TYR A 484 35.11 -10.31 -25.10
C TYR A 484 35.11 -10.47 -23.59
N ARG A 485 34.86 -9.35 -22.92
CA ARG A 485 34.85 -9.32 -21.49
C ARG A 485 33.61 -10.00 -20.96
N TYR A 486 32.47 -9.79 -21.62
CA TYR A 486 31.24 -10.36 -21.16
C TYR A 486 31.32 -11.85 -21.17
N LYS A 487 31.73 -12.43 -22.28
CA LYS A 487 31.80 -13.85 -22.32
C LYS A 487 32.79 -14.36 -21.31
N SER A 488 33.92 -13.69 -21.17
CA SER A 488 34.91 -14.19 -20.25
C SER A 488 34.39 -14.22 -18.83
N VAL A 489 33.69 -13.17 -18.42
CA VAL A 489 33.18 -13.10 -17.07
C VAL A 489 32.02 -14.05 -16.83
N ILE A 490 31.07 -14.12 -17.76
CA ILE A 490 29.93 -14.98 -17.48
C ILE A 490 30.37 -16.43 -17.53
N GLN A 491 31.34 -16.75 -18.38
CA GLN A 491 31.79 -18.11 -18.43
C GLN A 491 32.57 -18.46 -17.18
N ALA A 492 33.47 -17.57 -16.77
CA ALA A 492 34.28 -17.82 -15.59
C ALA A 492 33.44 -17.92 -14.33
N CYS A 493 32.34 -17.16 -14.29
CA CYS A 493 31.45 -17.14 -13.15
C CYS A 493 30.42 -18.25 -13.22
N GLN A 494 30.49 -19.04 -14.28
CA GLN A 494 29.58 -20.14 -14.54
C GLN A 494 28.13 -19.70 -14.58
N LEU A 495 27.83 -18.63 -15.32
CA LEU A 495 26.44 -18.24 -15.39
C LEU A 495 25.71 -18.99 -16.46
N GLU A 496 26.42 -19.40 -17.52
CA GLU A 496 25.78 -20.01 -18.71
C GLU A 496 24.97 -21.22 -18.33
N GLU A 497 25.45 -21.95 -17.35
CA GLU A 497 24.78 -23.12 -16.86
C GLU A 497 23.32 -22.84 -16.52
N ASP A 498 23.00 -21.65 -15.99
CA ASP A 498 21.60 -21.33 -15.72
C ASP A 498 20.99 -20.36 -16.70
N ILE A 499 21.75 -19.38 -17.15
CA ILE A 499 21.13 -18.35 -17.99
C ILE A 499 20.71 -18.87 -19.33
N LEU A 500 21.33 -19.94 -19.81
CA LEU A 500 20.95 -20.45 -21.10
C LEU A 500 19.66 -21.22 -21.03
N LYS A 501 19.14 -21.45 -19.83
CA LYS A 501 17.87 -22.13 -19.66
C LYS A 501 16.75 -21.11 -19.60
N PHE A 502 17.08 -19.83 -19.60
CA PHE A 502 16.07 -18.82 -19.45
C PHE A 502 15.38 -18.65 -20.80
N PRO A 503 14.06 -18.42 -20.84
CA PRO A 503 13.28 -18.36 -22.06
C PRO A 503 13.67 -17.31 -23.07
N ASP A 504 14.29 -16.20 -22.64
CA ASP A 504 14.67 -15.17 -23.59
C ASP A 504 16.16 -14.94 -23.50
N LYS A 505 16.86 -15.91 -22.92
CA LYS A 505 18.29 -15.87 -22.74
C LYS A 505 18.71 -14.57 -22.05
N ASP A 506 19.58 -13.81 -22.71
CA ASP A 506 20.12 -12.56 -22.22
C ASP A 506 19.03 -11.52 -21.96
N TYR A 507 17.91 -11.68 -22.66
CA TYR A 507 16.83 -10.75 -22.58
C TYR A 507 15.72 -11.26 -21.69
N THR A 508 16.02 -12.28 -20.93
CA THR A 508 15.04 -12.72 -19.98
C THR A 508 15.02 -11.64 -18.94
N VAL A 509 13.83 -11.19 -18.61
CA VAL A 509 13.68 -10.17 -17.59
C VAL A 509 13.41 -10.78 -16.23
N LEU A 510 14.14 -10.29 -15.26
CA LEU A 510 14.02 -10.71 -13.90
C LEU A 510 12.99 -9.84 -13.26
N GLY A 511 11.87 -10.44 -12.90
CA GLY A 511 10.79 -9.65 -12.35
C GLY A 511 10.85 -9.54 -10.85
N GLU A 512 9.89 -8.82 -10.32
CA GLU A 512 9.79 -8.60 -8.89
C GLU A 512 9.62 -9.91 -8.18
N GLY A 513 10.29 -10.03 -7.05
CA GLY A 513 10.26 -11.21 -6.22
C GLY A 513 11.41 -12.16 -6.57
N GLY A 514 12.05 -11.93 -7.74
CA GLY A 514 13.16 -12.76 -8.16
C GLY A 514 12.70 -14.14 -8.55
N ILE A 515 11.56 -14.22 -9.22
CA ILE A 515 10.93 -15.49 -9.60
C ILE A 515 11.75 -16.34 -10.55
N ILE A 516 12.78 -15.75 -11.13
CA ILE A 516 13.67 -16.43 -12.04
C ILE A 516 14.87 -17.05 -11.30
N LEU A 517 15.38 -16.40 -10.25
CA LEU A 517 16.62 -16.86 -9.63
C LEU A 517 16.56 -17.29 -8.17
N SER A 518 17.27 -18.38 -7.90
CA SER A 518 17.46 -18.91 -6.55
C SER A 518 18.46 -18.02 -5.82
N GLY A 519 18.46 -18.03 -4.49
CA GLY A 519 19.37 -17.12 -3.79
C GLY A 519 20.84 -17.26 -4.18
N GLY A 520 21.30 -18.47 -4.46
CA GLY A 520 22.70 -18.67 -4.84
C GLY A 520 22.94 -18.15 -6.24
N GLN A 521 21.89 -18.05 -7.03
CA GLN A 521 22.02 -17.61 -8.40
C GLN A 521 22.02 -16.11 -8.40
N ARG A 522 21.32 -15.53 -7.44
CA ARG A 522 21.26 -14.09 -7.37
C ARG A 522 22.65 -13.66 -6.93
N ALA A 523 23.25 -14.43 -6.03
CA ALA A 523 24.59 -14.15 -5.57
C ALA A 523 25.58 -14.27 -6.70
N ARG A 524 25.40 -15.27 -7.55
CA ARG A 524 26.28 -15.50 -8.67
C ARG A 524 26.24 -14.30 -9.62
N ILE A 525 25.06 -13.76 -9.86
CA ILE A 525 24.96 -12.59 -10.72
C ILE A 525 25.65 -11.41 -10.08
N SER A 526 25.47 -11.23 -8.77
CA SER A 526 26.12 -10.10 -8.10
C SER A 526 27.62 -10.16 -8.28
N LEU A 527 28.17 -11.37 -8.21
CA LEU A 527 29.59 -11.46 -8.44
C LEU A 527 29.90 -11.09 -9.87
N ALA A 528 29.18 -11.63 -10.83
CA ALA A 528 29.48 -11.35 -12.21
C ALA A 528 29.43 -9.86 -12.47
N ARG A 529 28.50 -9.18 -11.83
CA ARG A 529 28.39 -7.74 -12.01
C ARG A 529 29.60 -7.04 -11.45
N ALA A 530 29.98 -7.41 -10.22
CA ALA A 530 31.11 -6.78 -9.58
C ALA A 530 32.38 -7.00 -10.37
N VAL A 531 32.50 -8.17 -10.97
CA VAL A 531 33.68 -8.47 -11.74
C VAL A 531 33.68 -7.78 -13.08
N TYR A 532 32.54 -7.78 -13.76
CA TYR A 532 32.49 -7.16 -15.07
C TYR A 532 32.97 -5.73 -14.92
N LYS A 533 32.55 -5.05 -13.85
CA LYS A 533 33.07 -3.70 -13.70
C LYS A 533 34.58 -3.70 -13.51
N ASP A 534 35.25 -2.84 -14.26
CA ASP A 534 36.68 -2.64 -14.15
C ASP A 534 36.99 -1.70 -12.99
N ALA A 535 37.72 -2.19 -11.98
CA ALA A 535 38.04 -1.43 -10.76
C ALA A 535 39.48 -1.64 -10.34
N ASP A 536 39.96 -0.77 -9.46
CA ASP A 536 41.34 -0.89 -9.01
C ASP A 536 41.37 -1.80 -7.78
N LEU A 537 40.30 -1.72 -7.00
CA LEU A 537 40.12 -2.51 -5.80
C LEU A 537 38.79 -3.21 -5.79
N TYR A 538 38.83 -4.50 -5.53
CA TYR A 538 37.59 -5.26 -5.46
C TYR A 538 37.29 -5.77 -4.05
N LEU A 539 36.05 -5.57 -3.63
CA LEU A 539 35.62 -6.01 -2.32
C LEU A 539 34.51 -7.06 -2.37
N MET A 540 34.82 -8.27 -1.90
CA MET A 540 33.86 -9.37 -1.95
C MET A 540 33.27 -9.78 -0.60
N ASP A 541 32.01 -9.42 -0.40
CA ASP A 541 31.28 -9.69 0.82
C ASP A 541 30.56 -11.03 0.77
N SER A 542 30.94 -11.94 1.66
CA SER A 542 30.35 -13.27 1.74
C SER A 542 30.24 -13.99 0.38
N PRO A 543 31.36 -14.09 -0.37
CA PRO A 543 31.47 -14.62 -1.72
C PRO A 543 31.12 -16.08 -1.86
N PHE A 544 31.08 -16.81 -0.74
CA PHE A 544 30.75 -18.22 -0.83
C PHE A 544 29.33 -18.38 -1.39
N GLY A 545 28.48 -17.37 -1.18
CA GLY A 545 27.16 -17.29 -1.78
C GLY A 545 26.13 -18.37 -1.50
N TYR A 546 26.26 -19.08 -0.42
CA TYR A 546 25.36 -20.19 -0.13
C TYR A 546 25.39 -21.19 -1.28
N LEU A 547 26.55 -21.32 -1.92
CA LEU A 547 26.71 -22.23 -3.03
C LEU A 547 27.24 -23.59 -2.63
N ASP A 548 27.01 -24.58 -3.49
CA ASP A 548 27.58 -25.90 -3.32
C ASP A 548 29.10 -25.77 -3.32
N ILE A 549 29.75 -26.58 -2.50
CA ILE A 549 31.20 -26.55 -2.39
C ILE A 549 31.91 -26.80 -3.73
N PHE A 550 31.32 -27.59 -4.62
CA PHE A 550 32.00 -27.85 -5.86
C PHE A 550 32.18 -26.57 -6.65
N THR A 551 31.08 -25.86 -6.86
CA THR A 551 31.16 -24.60 -7.57
C THR A 551 31.91 -23.57 -6.74
N GLU A 552 31.80 -23.62 -5.40
CA GLU A 552 32.52 -22.63 -4.60
C GLU A 552 34.00 -22.69 -4.91
N LYS A 553 34.55 -23.92 -4.99
CA LYS A 553 35.95 -24.06 -5.33
C LYS A 553 36.24 -23.53 -6.71
N GLU A 554 35.39 -23.88 -7.67
CA GLU A 554 35.64 -23.46 -9.04
C GLU A 554 35.60 -21.97 -9.19
N ILE A 555 34.69 -21.29 -8.49
CA ILE A 555 34.61 -19.84 -8.55
C ILE A 555 35.81 -19.23 -7.89
N PHE A 556 36.23 -19.76 -6.77
CA PHE A 556 37.39 -19.15 -6.19
C PHE A 556 38.55 -19.20 -7.19
N GLU A 557 38.86 -20.38 -7.72
CA GLU A 557 39.99 -20.43 -8.63
C GLU A 557 39.77 -19.70 -9.94
N SER A 558 38.56 -19.81 -10.49
CA SER A 558 38.23 -19.17 -11.74
C SER A 558 38.29 -17.68 -11.63
N CYS A 559 37.69 -17.16 -10.57
CA CYS A 559 37.58 -15.75 -10.40
C CYS A 559 38.62 -15.17 -9.46
N VAL A 560 38.69 -15.66 -8.24
CA VAL A 560 39.57 -15.00 -7.28
C VAL A 560 40.99 -15.05 -7.71
N CYS A 561 41.39 -16.19 -8.22
CA CYS A 561 42.76 -16.36 -8.64
C CYS A 561 43.02 -15.91 -10.09
N LYS A 562 42.29 -16.44 -11.08
CA LYS A 562 42.60 -16.05 -12.45
C LYS A 562 41.90 -14.80 -13.01
N LEU A 563 40.58 -14.71 -12.96
CA LEU A 563 39.89 -13.56 -13.57
C LEU A 563 40.31 -12.26 -12.92
N MET A 564 40.54 -12.31 -11.62
CA MET A 564 40.93 -11.16 -10.83
C MET A 564 42.43 -11.02 -10.69
N ALA A 565 43.20 -11.77 -11.48
CA ALA A 565 44.63 -11.76 -11.33
C ALA A 565 45.19 -10.36 -11.41
N ASN A 566 46.12 -10.13 -10.49
CA ASN A 566 46.86 -8.90 -10.29
C ASN A 566 46.03 -7.70 -9.84
N LYS A 567 44.79 -7.92 -9.48
CA LYS A 567 44.00 -6.85 -8.93
C LYS A 567 44.15 -6.85 -7.43
N THR A 568 43.99 -5.71 -6.82
CA THR A 568 44.05 -5.70 -5.38
C THR A 568 42.72 -6.27 -4.92
N ARG A 569 42.74 -7.31 -4.09
CA ARG A 569 41.51 -8.00 -3.68
C ARG A 569 41.37 -8.11 -2.15
N ILE A 570 40.14 -7.98 -1.66
CA ILE A 570 39.82 -8.28 -0.28
C ILE A 570 38.64 -9.22 -0.20
N LEU A 571 38.86 -10.38 0.38
CA LEU A 571 37.76 -11.31 0.47
C LEU A 571 37.31 -11.58 1.87
N VAL A 572 36.02 -11.65 2.06
CA VAL A 572 35.49 -12.09 3.33
C VAL A 572 35.44 -13.60 3.27
N THR A 573 36.06 -14.30 4.20
CA THR A 573 36.03 -15.75 4.11
C THR A 573 36.08 -16.52 5.40
N SER A 574 35.55 -17.73 5.32
CA SER A 574 35.53 -18.69 6.39
C SER A 574 36.41 -19.92 6.13
N LYS A 575 37.07 -19.97 4.97
CA LYS A 575 37.85 -21.15 4.63
C LYS A 575 39.34 -20.96 4.92
N LEU A 576 39.94 -21.87 5.68
CA LEU A 576 41.35 -21.71 6.02
C LEU A 576 42.24 -21.75 4.80
N GLU A 577 41.86 -22.51 3.81
CA GLU A 577 42.66 -22.60 2.59
C GLU A 577 42.84 -21.21 1.99
N HIS A 578 41.83 -20.35 2.07
CA HIS A 578 41.97 -19.06 1.47
C HIS A 578 42.97 -18.27 2.25
N LEU A 579 43.00 -18.49 3.56
CA LEU A 579 43.95 -17.75 4.37
C LEU A 579 45.33 -18.19 4.00
N LYS A 580 45.50 -19.48 3.73
CA LYS A 580 46.82 -19.98 3.39
C LYS A 580 47.34 -19.35 2.11
N ILE A 581 46.44 -19.15 1.17
CA ILE A 581 46.71 -18.57 -0.13
C ILE A 581 47.00 -17.07 -0.07
N ALA A 582 46.24 -16.37 0.77
CA ALA A 582 46.31 -14.93 0.92
C ALA A 582 47.68 -14.42 1.34
N ASP A 583 47.98 -13.19 0.92
CA ASP A 583 49.24 -12.57 1.23
C ASP A 583 49.16 -11.99 2.63
N LYS A 584 47.97 -11.52 2.97
CA LYS A 584 47.78 -10.98 4.30
C LYS A 584 46.51 -11.53 4.93
N ILE A 585 46.67 -11.99 6.15
CA ILE A 585 45.64 -12.58 6.96
C ILE A 585 45.17 -11.66 8.06
N LEU A 586 43.86 -11.48 8.14
CA LEU A 586 43.27 -10.67 9.20
C LEU A 586 42.14 -11.38 9.94
N ILE A 587 42.23 -11.45 11.26
CA ILE A 587 41.18 -12.04 12.06
C ILE A 587 40.67 -11.04 13.07
N LEU A 588 39.37 -10.79 13.08
CA LEU A 588 38.79 -9.84 14.04
C LEU A 588 37.94 -10.52 15.13
N HIS A 589 37.94 -9.90 16.31
CA HIS A 589 37.13 -10.35 17.43
C HIS A 589 36.79 -9.22 18.38
N GLU A 590 35.51 -9.10 18.73
CA GLU A 590 35.02 -8.08 19.64
C GLU A 590 35.49 -6.65 19.36
N GLY A 591 35.50 -6.23 18.11
CA GLY A 591 35.88 -4.85 17.79
C GLY A 591 37.38 -4.60 17.67
N SER A 592 38.20 -5.63 17.83
CA SER A 592 39.63 -5.42 17.74
C SER A 592 40.32 -6.52 16.94
N CYS A 593 41.57 -6.26 16.59
CA CYS A 593 42.31 -7.23 15.85
C CYS A 593 42.83 -8.38 16.70
N TYR A 594 42.50 -9.61 16.32
CA TYR A 594 42.99 -10.79 17.00
C TYR A 594 44.36 -11.07 16.43
N PHE A 595 44.43 -10.99 15.11
CA PHE A 595 45.64 -11.23 14.36
C PHE A 595 45.71 -10.51 13.04
N TYR A 596 46.85 -9.91 12.74
CA TYR A 596 47.06 -9.34 11.42
C TYR A 596 48.48 -9.61 10.97
N GLY A 597 48.63 -10.24 9.81
CA GLY A 597 49.97 -10.59 9.33
C GLY A 597 50.03 -11.81 8.40
N THR A 598 51.21 -12.42 8.36
CA THR A 598 51.55 -13.58 7.53
C THR A 598 50.85 -14.82 8.10
N PHE A 599 50.43 -15.73 7.26
CA PHE A 599 49.74 -16.92 7.76
C PHE A 599 50.54 -17.61 8.87
N SER A 600 51.83 -17.79 8.65
CA SER A 600 52.67 -18.45 9.63
C SER A 600 52.90 -17.61 10.88
N GLU A 601 52.70 -16.30 10.79
CA GLU A 601 52.84 -15.40 11.93
C GLU A 601 51.64 -15.60 12.81
N LEU A 602 50.48 -15.89 12.21
CA LEU A 602 49.30 -16.15 13.02
C LEU A 602 49.57 -17.37 13.84
N GLN A 603 50.09 -18.39 13.20
CA GLN A 603 50.34 -19.62 13.92
C GLN A 603 51.40 -19.42 14.99
N GLY A 604 52.41 -18.59 14.73
CA GLY A 604 53.44 -18.33 15.70
C GLY A 604 53.03 -17.38 16.83
N GLN A 605 52.05 -16.49 16.60
CA GLN A 605 51.67 -15.53 17.63
C GLN A 605 50.39 -15.88 18.36
N ARG A 606 49.48 -16.59 17.73
CA ARG A 606 48.24 -16.98 18.36
C ARG A 606 48.03 -18.47 18.05
N PRO A 607 48.94 -19.36 18.50
CA PRO A 607 48.95 -20.77 18.19
C PRO A 607 47.78 -21.53 18.79
N ASP A 608 47.15 -21.00 19.83
CA ASP A 608 46.07 -21.74 20.42
C ASP A 608 44.82 -21.50 19.61
N PHE A 609 44.71 -20.28 19.11
CA PHE A 609 43.61 -19.88 18.26
C PHE A 609 43.70 -20.71 17.01
N SER A 610 44.91 -20.75 16.43
CA SER A 610 45.14 -21.50 15.22
C SER A 610 44.87 -22.98 15.43
N SER A 611 45.40 -23.57 16.51
CA SER A 611 45.21 -24.98 16.73
C SER A 611 43.75 -25.34 16.91
N GLU A 612 42.99 -24.50 17.60
CA GLU A 612 41.60 -24.84 17.79
C GLU A 612 40.89 -24.81 16.46
N LEU A 613 41.19 -23.83 15.61
CA LEU A 613 40.51 -23.81 14.33
C LEU A 613 40.91 -25.00 13.48
N MET A 614 42.20 -25.35 13.49
CA MET A 614 42.73 -26.44 12.68
C MET A 614 42.24 -27.78 13.13
N GLY A 615 41.78 -27.89 14.38
CA GLY A 615 41.22 -29.16 14.81
C GLY A 615 40.09 -29.53 13.83
N PHE A 616 39.36 -28.54 13.30
CA PHE A 616 38.32 -28.79 12.33
C PHE A 616 39.02 -28.78 11.00
N ASP A 617 39.90 -29.74 10.79
CA ASP A 617 40.75 -29.67 9.63
C ASP A 617 39.96 -29.73 8.33
N SER A 618 38.88 -30.52 8.30
CA SER A 618 38.10 -30.67 7.08
C SER A 618 37.08 -29.56 6.90
N PHE A 619 37.55 -28.33 6.75
CA PHE A 619 36.66 -27.17 6.66
C PHE A 619 35.84 -27.12 5.40
N ASP A 620 36.28 -27.76 4.35
CA ASP A 620 35.57 -27.74 3.10
C ASP A 620 34.28 -28.56 3.19
N GLN A 621 34.17 -29.36 4.25
CA GLN A 621 33.02 -30.20 4.45
C GLN A 621 31.98 -29.51 5.31
N PHE A 622 32.30 -28.33 5.79
CA PHE A 622 31.39 -27.61 6.64
C PHE A 622 30.76 -26.48 5.83
N SER A 623 29.47 -26.32 5.98
CA SER A 623 28.75 -25.25 5.34
C SER A 623 29.12 -23.96 6.03
N ALA A 624 28.84 -22.82 5.40
CA ALA A 624 29.25 -21.58 6.02
C ALA A 624 28.69 -21.43 7.40
N GLU A 625 27.47 -21.89 7.59
CA GLU A 625 26.82 -21.81 8.87
C GLU A 625 27.57 -22.60 9.93
N ARG A 626 28.18 -23.70 9.54
CA ARG A 626 28.88 -24.51 10.51
C ARG A 626 30.25 -23.91 10.72
N ARG A 627 30.82 -23.34 9.66
CA ARG A 627 32.15 -22.75 9.76
C ARG A 627 32.05 -21.55 10.70
N ASN A 628 30.92 -20.83 10.62
CA ASN A 628 30.68 -19.67 11.43
C ASN A 628 30.49 -20.05 12.88
N SER A 629 29.79 -21.14 13.14
CA SER A 629 29.61 -21.56 14.51
C SER A 629 30.94 -21.99 15.11
N ILE A 630 31.77 -22.67 14.33
CA ILE A 630 33.06 -23.12 14.84
C ILE A 630 33.93 -21.96 15.22
N ILE A 631 34.04 -20.95 14.33
CA ILE A 631 34.89 -19.84 14.70
C ILE A 631 34.27 -19.02 15.80
N THR A 632 32.94 -18.90 15.83
CA THR A 632 32.35 -18.10 16.87
C THR A 632 32.69 -18.67 18.22
N GLU A 633 32.56 -19.99 18.36
CA GLU A 633 32.85 -20.62 19.62
C GLU A 633 34.32 -20.59 19.93
N THR A 634 35.18 -20.83 18.96
CA THR A 634 36.57 -20.87 19.25
C THR A 634 37.03 -19.49 19.67
N LEU A 635 36.58 -18.49 18.95
CA LEU A 635 37.00 -17.15 19.17
C LEU A 635 36.46 -16.58 20.46
N ARG A 636 35.20 -16.86 20.81
CA ARG A 636 34.73 -16.33 22.08
C ARG A 636 35.34 -17.11 23.24
N ARG A 637 35.63 -18.41 23.04
CA ARG A 637 36.22 -19.20 24.10
C ARG A 637 37.57 -18.61 24.43
N PHE A 638 38.33 -18.29 23.40
CA PHE A 638 39.60 -17.64 23.59
C PHE A 638 39.33 -16.16 23.66
N SER A 639 38.67 -15.78 24.73
CA SER A 639 38.22 -14.42 24.84
C SER A 639 39.34 -13.41 24.90
N PHE A 640 40.48 -13.76 25.50
CA PHE A 640 41.59 -12.80 25.60
C PHE A 640 41.13 -11.47 26.24
N TRP A 818 -20.71 8.02 30.30
CA TRP A 818 -20.95 7.41 28.99
C TRP A 818 -21.53 6.01 29.02
N ASN A 819 -20.96 5.08 29.82
CA ASN A 819 -21.40 3.68 29.70
C ASN A 819 -22.76 3.35 30.30
N THR A 820 -23.08 3.88 31.47
CA THR A 820 -24.40 3.57 32.01
C THR A 820 -25.44 4.17 31.08
N TYR A 821 -25.22 5.42 30.66
CA TYR A 821 -26.19 5.98 29.76
C TYR A 821 -26.12 5.41 28.37
N PHE A 822 -24.98 4.98 27.89
CA PHE A 822 -24.95 4.39 26.56
C PHE A 822 -25.92 3.23 26.51
N ARG A 823 -25.87 2.39 27.54
CA ARG A 823 -26.78 1.26 27.58
C ARG A 823 -28.23 1.77 27.62
N TYR A 824 -28.51 2.82 28.39
CA TYR A 824 -29.86 3.34 28.43
C TYR A 824 -30.26 4.04 27.16
N ILE A 825 -29.32 4.65 26.46
CA ILE A 825 -29.60 5.31 25.19
C ILE A 825 -30.05 4.27 24.20
N THR A 826 -29.38 3.11 24.19
CA THR A 826 -29.81 2.04 23.30
C THR A 826 -31.26 1.59 23.62
N ILE A 827 -31.57 1.45 24.93
CA ILE A 827 -32.88 1.00 25.44
C ILE A 827 -34.04 2.00 25.23
N HIS A 828 -33.84 3.25 25.60
CA HIS A 828 -34.85 4.27 25.54
C HIS A 828 -34.62 5.24 24.41
N LYS A 829 -35.49 5.14 23.42
CA LYS A 829 -35.34 5.96 22.22
C LYS A 829 -35.79 7.37 22.53
N SER A 830 -36.50 7.52 23.65
CA SER A 830 -36.92 8.81 24.12
C SER A 830 -35.72 9.60 24.64
N LEU A 831 -34.65 8.90 25.09
CA LEU A 831 -33.48 9.60 25.55
C LEU A 831 -32.76 10.10 24.31
N ILE A 832 -32.81 9.30 23.25
CA ILE A 832 -32.17 9.72 22.01
C ILE A 832 -32.86 10.97 21.48
N PHE A 833 -34.20 10.99 21.51
CA PHE A 833 -34.92 12.17 21.06
C PHE A 833 -34.51 13.40 21.84
N VAL A 834 -34.46 13.28 23.16
CA VAL A 834 -34.10 14.42 23.96
C VAL A 834 -32.70 14.90 23.63
N LEU A 835 -31.75 13.99 23.47
CA LEU A 835 -30.39 14.40 23.16
C LEU A 835 -30.33 15.14 21.82
N ILE A 836 -31.11 14.72 20.83
CA ILE A 836 -31.14 15.40 19.54
C ILE A 836 -31.66 16.82 19.72
N LEU A 837 -32.76 16.94 20.46
CA LEU A 837 -33.35 18.22 20.71
C LEU A 837 -32.39 19.11 21.48
N CYS A 838 -31.66 18.53 22.43
CA CYS A 838 -30.71 19.29 23.24
C CYS A 838 -29.65 19.96 22.39
N VAL A 839 -29.15 19.26 21.37
CA VAL A 839 -28.12 19.86 20.51
C VAL A 839 -28.70 21.03 19.76
N THR A 840 -29.91 20.89 19.25
CA THR A 840 -30.57 21.96 18.51
C THR A 840 -30.76 23.19 19.39
N ILE A 841 -31.21 22.96 20.62
CA ILE A 841 -31.43 24.06 21.54
C ILE A 841 -30.12 24.76 21.82
N PHE A 842 -29.09 23.98 22.10
CA PHE A 842 -27.80 24.53 22.40
C PHE A 842 -27.27 25.40 21.27
N LEU A 843 -27.33 24.94 20.03
CA LEU A 843 -26.78 25.72 18.95
C LEU A 843 -27.50 27.06 18.78
N LEU A 844 -28.83 27.09 18.96
CA LEU A 844 -29.50 28.37 18.81
C LEU A 844 -29.08 29.31 19.92
N GLU A 845 -28.93 28.80 21.15
CA GLU A 845 -28.50 29.63 22.27
C GLU A 845 -27.10 30.19 22.02
N VAL A 846 -26.23 29.39 21.42
CA VAL A 846 -24.90 29.90 21.15
C VAL A 846 -25.01 31.04 20.15
N ALA A 847 -25.87 30.89 19.14
CA ALA A 847 -25.99 31.97 18.18
C ALA A 847 -26.40 33.25 18.90
N ALA A 848 -27.24 33.13 19.94
CA ALA A 848 -27.64 34.32 20.68
C ALA A 848 -26.42 35.03 21.27
N SER A 849 -25.43 34.26 21.73
CA SER A 849 -24.23 34.85 22.32
C SER A 849 -23.52 35.71 21.27
N LEU A 850 -23.51 35.21 20.03
CA LEU A 850 -22.91 35.96 18.94
C LEU A 850 -23.77 37.19 18.59
N VAL A 851 -25.08 37.10 18.77
CA VAL A 851 -25.98 38.23 18.48
C VAL A 851 -25.60 39.42 19.36
N LEU A 852 -25.22 39.12 20.60
CA LEU A 852 -24.82 40.11 21.59
C LEU A 852 -23.51 40.83 21.23
N LEU A 853 -22.93 40.50 20.06
CA LEU A 853 -21.83 41.24 19.47
C LEU A 853 -22.20 42.71 19.38
N LEU A 854 -23.51 42.97 19.19
CA LEU A 854 -24.07 44.31 19.03
C LEU A 854 -23.78 45.19 20.23
N PHE A 855 -23.41 44.60 21.36
CA PHE A 855 -23.11 45.36 22.56
C PHE A 855 -22.12 46.49 22.28
N LEU A 856 -21.11 46.24 21.43
CA LEU A 856 -20.10 47.26 21.18
C LEU A 856 -20.42 48.14 19.97
N TYR A 885 -40.17 40.54 20.58
CA TYR A 885 -39.01 39.70 20.73
C TYR A 885 -39.47 38.33 21.21
N TYR A 886 -40.58 38.33 21.94
CA TYR A 886 -41.12 37.11 22.52
C TYR A 886 -41.69 36.33 21.36
N MET A 887 -42.34 37.02 20.43
CA MET A 887 -42.88 36.30 19.30
C MET A 887 -41.80 35.66 18.46
N ILE A 888 -40.65 36.33 18.32
CA ILE A 888 -39.59 35.75 17.54
C ILE A 888 -39.14 34.49 18.25
N TYR A 889 -38.95 34.61 19.56
CA TYR A 889 -38.56 33.49 20.40
C TYR A 889 -39.48 32.29 20.20
N ILE A 890 -40.78 32.53 20.20
CA ILE A 890 -41.71 31.44 19.99
C ILE A 890 -41.56 30.80 18.64
N TYR A 891 -41.48 31.59 17.58
CA TYR A 891 -41.41 30.97 16.28
C TYR A 891 -40.12 30.20 16.06
N VAL A 892 -39.01 30.66 16.62
CA VAL A 892 -37.78 29.91 16.40
C VAL A 892 -37.83 28.61 17.20
N GLY A 893 -38.47 28.64 18.38
CA GLY A 893 -38.60 27.44 19.19
C GLY A 893 -39.39 26.36 18.46
N ILE A 894 -40.41 26.78 17.73
CA ILE A 894 -41.20 25.84 16.99
C ILE A 894 -40.36 25.20 15.92
N ALA A 895 -39.59 26.00 15.19
CA ALA A 895 -38.75 25.43 14.14
C ALA A 895 -37.76 24.40 14.68
N ASP A 896 -37.18 24.66 15.86
CA ASP A 896 -36.24 23.70 16.40
C ASP A 896 -36.87 22.37 16.70
N THR A 897 -38.09 22.39 17.22
CA THR A 897 -38.74 21.14 17.57
C THR A 897 -38.98 20.29 16.33
N LEU A 898 -39.45 20.92 15.26
CA LEU A 898 -39.76 20.18 14.06
C LEU A 898 -38.52 19.56 13.44
N LEU A 899 -37.42 20.30 13.45
CA LEU A 899 -36.21 19.80 12.86
C LEU A 899 -35.68 18.61 13.64
N ALA A 900 -35.76 18.68 14.97
CA ALA A 900 -35.25 17.58 15.76
C ALA A 900 -35.95 16.29 15.44
N MET A 901 -37.27 16.34 15.22
CA MET A 901 -37.95 15.11 14.93
C MET A 901 -37.51 14.56 13.58
N GLY A 902 -37.26 15.45 12.63
CA GLY A 902 -36.82 15.02 11.32
C GLY A 902 -35.51 14.24 11.39
N ILE A 903 -34.60 14.67 12.27
CA ILE A 903 -33.33 13.99 12.42
C ILE A 903 -33.50 12.64 13.06
N PHE A 904 -34.31 12.59 14.10
CA PHE A 904 -34.54 11.38 14.86
C PHE A 904 -35.01 10.25 13.95
N ARG A 905 -35.94 10.55 13.07
CA ARG A 905 -36.47 9.55 12.16
C ARG A 905 -35.42 8.82 11.32
N GLY A 906 -34.33 9.47 10.93
CA GLY A 906 -33.37 8.84 10.04
C GLY A 906 -32.27 8.00 10.71
N LEU A 907 -32.21 7.97 12.03
CA LEU A 907 -31.11 7.23 12.67
C LEU A 907 -30.99 5.73 12.34
N PRO A 908 -32.07 4.97 12.11
CA PRO A 908 -32.01 3.56 11.79
C PRO A 908 -31.22 3.30 10.53
N LEU A 909 -31.05 4.32 9.69
CA LEU A 909 -30.30 4.14 8.47
C LEU A 909 -28.84 3.93 8.78
N VAL A 910 -28.34 4.57 9.83
CA VAL A 910 -26.93 4.43 10.12
C VAL A 910 -26.72 3.03 10.62
N HIS A 911 -27.61 2.61 11.50
CA HIS A 911 -27.53 1.29 12.07
C HIS A 911 -27.54 0.24 10.96
N THR A 912 -28.46 0.43 10.01
CA THR A 912 -28.61 -0.50 8.91
C THR A 912 -27.35 -0.57 8.06
N LEU A 913 -26.76 0.57 7.74
CA LEU A 913 -25.57 0.60 6.90
C LEU A 913 -24.39 -0.16 7.46
N ILE A 914 -24.11 0.01 8.74
CA ILE A 914 -22.99 -0.71 9.29
C ILE A 914 -23.27 -2.21 9.24
N THR A 915 -24.50 -2.60 9.57
CA THR A 915 -24.85 -4.00 9.58
C THR A 915 -24.64 -4.61 8.20
N VAL A 916 -25.07 -3.92 7.17
CA VAL A 916 -24.93 -4.49 5.85
C VAL A 916 -23.50 -4.70 5.42
N SER A 917 -22.60 -3.72 5.60
CA SER A 917 -21.27 -4.01 5.10
C SER A 917 -20.64 -5.14 5.91
N LYS A 918 -20.97 -5.25 7.19
CA LYS A 918 -20.41 -6.32 7.98
C LYS A 918 -20.81 -7.65 7.40
N THR A 919 -22.08 -7.77 7.05
CA THR A 919 -22.56 -9.03 6.51
C THR A 919 -21.87 -9.37 5.21
N LEU A 920 -21.74 -8.41 4.31
CA LEU A 920 -21.11 -8.74 3.04
C LEU A 920 -19.68 -9.20 3.19
N HIS A 921 -18.92 -8.54 4.07
CA HIS A 921 -17.55 -8.94 4.25
C HIS A 921 -17.51 -10.38 4.71
N GLN A 922 -18.35 -10.68 5.70
CA GLN A 922 -18.34 -12.01 6.26
C GLN A 922 -18.75 -13.07 5.26
N LYS A 923 -19.72 -12.77 4.42
CA LYS A 923 -20.13 -13.78 3.48
C LYS A 923 -19.09 -14.02 2.42
N MET A 924 -18.42 -12.98 1.95
CA MET A 924 -17.40 -13.23 0.94
C MET A 924 -16.30 -14.11 1.50
N VAL A 925 -15.92 -13.89 2.75
CA VAL A 925 -14.86 -14.71 3.30
C VAL A 925 -15.27 -16.15 3.36
N HIS A 926 -16.48 -16.39 3.82
CA HIS A 926 -16.96 -17.73 3.96
C HIS A 926 -16.96 -18.42 2.62
N ALA A 927 -17.48 -17.71 1.62
CA ALA A 927 -17.57 -18.24 0.27
C ALA A 927 -16.22 -18.61 -0.34
N VAL A 928 -15.18 -17.84 -0.03
CA VAL A 928 -13.88 -18.15 -0.59
C VAL A 928 -13.28 -19.36 0.11
N LEU A 929 -13.42 -19.44 1.43
CA LEU A 929 -12.87 -20.59 2.13
C LEU A 929 -13.51 -21.90 1.69
N TYR A 930 -14.82 -21.94 1.66
CA TYR A 930 -15.48 -23.19 1.27
C TYR A 930 -15.82 -23.17 -0.19
N ALA A 931 -14.81 -22.86 -0.96
CA ALA A 931 -14.91 -22.74 -2.38
C ALA A 931 -14.34 -23.96 -3.07
N PRO A 932 -14.82 -24.30 -4.27
CA PRO A 932 -14.23 -25.30 -5.12
C PRO A 932 -12.85 -24.87 -5.60
N MET A 933 -11.98 -25.84 -5.77
CA MET A 933 -10.67 -25.62 -6.34
C MET A 933 -10.83 -25.42 -7.81
N SER A 934 -9.78 -25.00 -8.53
CA SER A 934 -9.80 -24.61 -9.96
C SER A 934 -10.60 -23.34 -10.28
N THR A 935 -11.77 -23.14 -9.66
CA THR A 935 -12.61 -21.95 -9.87
C THR A 935 -11.87 -20.66 -9.48
N PHE A 936 -11.09 -20.70 -8.39
CA PHE A 936 -10.36 -19.51 -7.91
C PHE A 936 -9.17 -19.15 -8.83
N ASN A 937 -8.73 -20.10 -9.65
CA ASN A 937 -7.64 -19.96 -10.62
C ASN A 937 -8.01 -18.98 -11.74
N SER A 938 -9.27 -18.48 -11.76
CA SER A 938 -9.68 -17.43 -12.68
C SER A 938 -9.01 -16.10 -12.30
N LEU A 939 -8.60 -15.96 -11.03
CA LEU A 939 -7.92 -14.75 -10.59
C LEU A 939 -6.46 -15.00 -10.22
N LYS A 940 -6.17 -16.22 -9.76
CA LYS A 940 -4.82 -16.64 -9.34
C LYS A 940 -4.22 -15.73 -8.28
N ALA A 941 -5.03 -15.41 -7.30
CA ALA A 941 -4.74 -14.56 -6.14
C ALA A 941 -4.58 -13.07 -6.44
N GLY A 942 -4.64 -12.67 -7.71
CA GLY A 942 -4.46 -11.27 -8.06
C GLY A 942 -5.71 -10.52 -7.70
N GLY A 943 -6.74 -10.78 -8.48
CA GLY A 943 -8.03 -10.16 -8.24
C GLY A 943 -8.64 -10.63 -6.93
N ILE A 944 -8.21 -11.75 -6.40
CA ILE A 944 -8.81 -12.14 -5.14
C ILE A 944 -8.37 -11.17 -4.09
N LEU A 945 -7.05 -10.93 -3.98
CA LEU A 945 -6.63 -10.00 -2.96
C LEU A 945 -7.09 -8.60 -3.24
N ASN A 946 -6.97 -8.16 -4.49
CA ASN A 946 -7.32 -6.80 -4.78
C ASN A 946 -8.80 -6.51 -4.64
N ARG A 947 -9.65 -7.45 -5.03
CA ARG A 947 -11.07 -7.17 -4.93
C ARG A 947 -11.48 -7.28 -3.51
N PHE A 948 -10.99 -8.30 -2.80
CA PHE A 948 -11.36 -8.47 -1.39
C PHE A 948 -11.06 -7.21 -0.57
N SER A 949 -9.83 -6.73 -0.74
CA SER A 949 -9.39 -5.55 -0.02
C SER A 949 -10.08 -4.26 -0.44
N LYS A 950 -10.11 -3.99 -1.74
CA LYS A 950 -10.66 -2.74 -2.20
C LYS A 950 -12.15 -2.68 -2.13
N ASP A 951 -12.85 -3.77 -2.47
CA ASP A 951 -14.29 -3.70 -2.45
C ASP A 951 -14.79 -3.49 -1.03
N THR A 952 -14.16 -4.11 -0.09
CA THR A 952 -14.66 -3.88 1.30
C THR A 952 -14.46 -2.41 1.65
N ALA A 953 -13.28 -1.86 1.33
CA ALA A 953 -13.00 -0.49 1.69
C ALA A 953 -13.98 0.50 1.09
N ILE A 954 -14.37 0.30 -0.16
CA ILE A 954 -15.28 1.28 -0.74
C ILE A 954 -16.65 1.13 -0.15
N LEU A 955 -17.11 -0.09 0.14
CA LEU A 955 -18.45 -0.15 0.68
C LEU A 955 -18.54 0.61 1.97
N ASP A 956 -17.52 0.47 2.82
CA ASP A 956 -17.54 1.15 4.10
C ASP A 956 -17.41 2.66 4.05
N ASP A 957 -16.60 3.20 3.16
CA ASP A 957 -16.53 4.65 3.12
C ASP A 957 -17.58 5.32 2.27
N LEU A 958 -18.03 4.68 1.22
CA LEU A 958 -18.97 5.37 0.37
C LEU A 958 -20.42 5.04 0.58
N LEU A 959 -20.81 3.80 0.88
CA LEU A 959 -22.25 3.64 0.95
C LEU A 959 -22.87 4.52 2.03
N PRO A 960 -22.26 4.66 3.22
CA PRO A 960 -22.75 5.48 4.29
C PRO A 960 -22.65 6.96 4.04
N LEU A 961 -22.02 7.35 2.96
CA LEU A 961 -21.86 8.74 2.70
C LEU A 961 -22.72 9.17 1.54
N THR A 962 -22.59 8.43 0.44
CA THR A 962 -23.26 8.82 -0.78
C THR A 962 -24.75 8.67 -0.64
N VAL A 963 -25.17 7.75 0.21
CA VAL A 963 -26.58 7.57 0.37
C VAL A 963 -27.25 8.77 0.98
N PHE A 964 -26.59 9.48 1.90
CA PHE A 964 -27.28 10.56 2.52
C PHE A 964 -27.36 11.73 1.60
N ASP A 965 -26.32 11.90 0.79
CA ASP A 965 -26.37 13.00 -0.14
C ASP A 965 -27.46 12.75 -1.14
N LEU A 966 -27.62 11.48 -1.57
CA LEU A 966 -28.66 11.21 -2.51
C LEU A 966 -30.00 11.48 -1.91
N ILE A 967 -30.22 11.13 -0.67
CA ILE A 967 -31.53 11.38 -0.13
C ILE A 967 -31.84 12.86 -0.14
N GLN A 968 -30.90 13.69 0.33
CA GLN A 968 -31.20 15.10 0.35
C GLN A 968 -31.42 15.66 -1.05
N LEU A 969 -30.58 15.26 -2.01
CA LEU A 969 -30.68 15.80 -3.35
C LEU A 969 -32.00 15.40 -4.01
N ILE A 970 -32.42 14.17 -3.76
CA ILE A 970 -33.64 13.67 -4.31
C ILE A 970 -34.82 14.46 -3.78
N LEU A 971 -34.85 14.72 -2.49
CA LEU A 971 -35.97 15.47 -1.97
C LEU A 971 -36.03 16.87 -2.56
N ILE A 972 -34.88 17.48 -2.76
CA ILE A 972 -34.87 18.82 -3.31
C ILE A 972 -35.40 18.85 -4.73
N VAL A 973 -34.95 17.92 -5.58
CA VAL A 973 -35.40 17.97 -6.96
C VAL A 973 -36.87 17.67 -7.08
N ILE A 974 -37.41 16.79 -6.24
CA ILE A 974 -38.82 16.51 -6.33
C ILE A 974 -39.59 17.78 -6.11
N GLY A 975 -39.21 18.51 -5.06
CA GLY A 975 -39.89 19.75 -4.78
C GLY A 975 -39.74 20.74 -5.92
N ALA A 976 -38.51 20.92 -6.43
CA ALA A 976 -38.29 21.90 -7.47
C ALA A 976 -39.11 21.66 -8.72
N ILE A 977 -39.23 20.40 -9.12
CA ILE A 977 -39.96 20.10 -10.33
C ILE A 977 -41.44 20.23 -10.10
N THR A 978 -41.92 19.77 -8.95
CA THR A 978 -43.33 19.83 -8.67
C THR A 978 -43.82 21.26 -8.73
N VAL A 979 -43.06 22.16 -8.12
CA VAL A 979 -43.49 23.52 -8.07
C VAL A 979 -43.48 24.19 -9.42
N VAL A 980 -42.43 24.01 -10.20
CA VAL A 980 -42.48 24.70 -11.48
C VAL A 980 -43.48 24.07 -12.41
N SER A 981 -43.71 22.75 -12.31
CA SER A 981 -44.64 22.10 -13.18
C SER A 981 -46.04 22.64 -12.95
N ILE A 982 -46.39 22.87 -11.69
CA ILE A 982 -47.70 23.41 -11.38
C ILE A 982 -47.82 24.86 -11.80
N LEU A 983 -46.82 25.67 -11.49
CA LEU A 983 -46.90 27.08 -11.82
C LEU A 983 -46.94 27.35 -13.30
N GLN A 984 -46.14 26.61 -14.05
CA GLN A 984 -46.10 26.79 -15.48
C GLN A 984 -45.74 25.50 -16.20
N PRO A 985 -46.73 24.76 -16.74
CA PRO A 985 -46.58 23.49 -17.42
C PRO A 985 -45.66 23.56 -18.65
N TYR A 986 -45.44 24.76 -19.19
CA TYR A 986 -44.54 24.84 -20.31
C TYR A 986 -43.10 24.57 -19.88
N ILE A 987 -42.76 24.81 -18.61
CA ILE A 987 -41.40 24.57 -18.17
C ILE A 987 -41.12 23.09 -18.27
N PHE A 988 -42.07 22.28 -17.82
CA PHE A 988 -41.94 20.84 -17.89
C PHE A 988 -41.72 20.43 -19.34
N LEU A 989 -42.57 20.95 -20.23
CA LEU A 989 -42.45 20.59 -21.62
C LEU A 989 -41.01 20.84 -22.09
N ALA A 990 -40.47 22.00 -21.73
CA ALA A 990 -39.11 22.35 -22.07
C ALA A 990 -38.01 21.51 -21.39
N SER A 991 -38.22 21.07 -20.15
CA SER A 991 -37.17 20.35 -19.41
C SER A 991 -37.01 18.88 -19.75
N VAL A 992 -38.02 18.26 -20.30
CA VAL A 992 -37.88 16.85 -20.60
C VAL A 992 -36.66 16.51 -21.50
N PRO A 993 -36.40 17.21 -22.60
CA PRO A 993 -35.25 16.92 -23.43
C PRO A 993 -33.92 17.28 -22.79
N VAL A 994 -33.95 18.08 -21.73
CA VAL A 994 -32.74 18.52 -21.11
C VAL A 994 -32.19 17.37 -20.32
N ILE A 995 -33.06 16.70 -19.58
CA ILE A 995 -32.55 15.58 -18.83
C ILE A 995 -32.10 14.49 -19.78
N ALA A 996 -32.77 14.31 -20.92
CA ALA A 996 -32.35 13.28 -21.84
C ALA A 996 -30.92 13.53 -22.33
N ALA A 997 -30.59 14.80 -22.60
CA ALA A 997 -29.27 15.12 -23.07
C ALA A 997 -28.20 14.73 -22.07
N PHE A 998 -28.49 14.92 -20.79
CA PHE A 998 -27.49 14.61 -19.79
C PHE A 998 -27.27 13.14 -19.63
N ILE A 999 -28.32 12.35 -19.77
CA ILE A 999 -28.19 10.92 -19.59
C ILE A 999 -27.28 10.32 -20.63
N VAL A 1000 -27.46 10.72 -21.87
CA VAL A 1000 -26.65 10.15 -22.91
C VAL A 1000 -25.19 10.49 -22.76
N LEU A 1001 -24.87 11.74 -22.46
CA LEU A 1001 -23.48 12.09 -22.34
C LEU A 1001 -22.86 11.37 -21.17
N ARG A 1002 -23.58 11.27 -20.06
CA ARG A 1002 -23.05 10.59 -18.91
C ARG A 1002 -22.67 9.17 -19.21
N ALA A 1003 -23.53 8.44 -19.92
CA ALA A 1003 -23.20 7.07 -20.17
C ALA A 1003 -21.94 6.90 -20.98
N TYR A 1004 -21.76 7.75 -21.99
CA TYR A 1004 -20.58 7.62 -22.81
C TYR A 1004 -19.34 7.90 -22.00
N PHE A 1005 -19.41 8.96 -21.22
CA PHE A 1005 -18.30 9.37 -20.40
C PHE A 1005 -17.86 8.31 -19.44
N LEU A 1006 -18.81 7.74 -18.72
CA LEU A 1006 -18.40 6.78 -17.73
C LEU A 1006 -17.75 5.59 -18.36
N HIS A 1007 -18.23 5.15 -19.50
CA HIS A 1007 -17.58 3.99 -20.07
C HIS A 1007 -16.09 4.24 -20.24
N THR A 1008 -15.76 5.34 -20.89
CA THR A 1008 -14.35 5.59 -21.13
C THR A 1008 -13.56 5.94 -19.88
N SER A 1009 -14.09 6.79 -19.01
CA SER A 1009 -13.29 7.22 -17.88
C SER A 1009 -13.04 6.10 -16.91
N GLN A 1010 -13.96 5.16 -16.82
CA GLN A 1010 -13.79 4.02 -15.94
C GLN A 1010 -12.67 3.17 -16.46
N GLN A 1011 -12.53 3.09 -17.78
CA GLN A 1011 -11.44 2.35 -18.34
C GLN A 1011 -10.10 3.08 -18.11
N LEU A 1012 -10.12 4.41 -18.22
CA LEU A 1012 -8.87 5.16 -18.03
C LEU A 1012 -8.38 5.06 -16.62
N LYS A 1013 -9.29 4.96 -15.68
CA LYS A 1013 -8.92 4.89 -14.28
C LYS A 1013 -7.95 3.76 -14.01
N GLN A 1014 -7.99 2.70 -14.80
CA GLN A 1014 -7.15 1.55 -14.63
C GLN A 1014 -5.68 1.94 -14.77
N LEU A 1015 -5.45 2.97 -15.58
CA LEU A 1015 -4.12 3.42 -15.89
C LEU A 1015 -3.43 4.02 -14.70
N GLU A 1016 -4.19 4.58 -13.74
CA GLU A 1016 -3.48 5.18 -12.63
C GLU A 1016 -2.76 4.07 -11.89
N SER A 1017 -3.45 2.97 -11.66
CA SER A 1017 -2.85 1.87 -10.94
C SER A 1017 -1.71 1.26 -11.72
N GLU A 1018 -1.89 1.14 -13.03
CA GLU A 1018 -0.83 0.52 -13.80
C GLU A 1018 0.43 1.34 -13.82
N ALA A 1019 0.30 2.65 -13.92
CA ALA A 1019 1.48 3.48 -13.93
C ALA A 1019 2.01 3.74 -12.53
N ARG A 1020 1.13 3.73 -11.53
CA ARG A 1020 1.53 4.02 -10.18
C ARG A 1020 2.33 2.92 -9.52
N SER A 1021 1.95 1.68 -9.69
CA SER A 1021 2.69 0.64 -9.00
C SER A 1021 4.21 0.71 -9.21
N PRO A 1022 4.75 0.83 -10.43
CA PRO A 1022 6.17 0.79 -10.68
C PRO A 1022 6.93 1.97 -10.12
N ILE A 1023 6.27 3.05 -9.73
CA ILE A 1023 7.09 4.11 -9.19
C ILE A 1023 7.66 3.60 -7.87
N PHE A 1024 6.87 2.79 -7.15
CA PHE A 1024 7.29 2.30 -5.88
C PHE A 1024 8.23 1.15 -6.05
N THR A 1025 8.04 0.36 -7.09
CA THR A 1025 8.94 -0.77 -7.21
C THR A 1025 10.32 -0.22 -7.53
N HIS A 1026 10.35 0.85 -8.31
CA HIS A 1026 11.60 1.49 -8.64
C HIS A 1026 12.25 1.98 -7.38
N LEU A 1027 11.49 2.70 -6.57
CA LEU A 1027 12.02 3.27 -5.35
C LEU A 1027 12.65 2.24 -4.45
N VAL A 1028 11.92 1.16 -4.16
CA VAL A 1028 12.44 0.17 -3.26
C VAL A 1028 13.70 -0.46 -3.79
N THR A 1029 13.72 -0.75 -5.08
CA THR A 1029 14.89 -1.35 -5.65
C THR A 1029 16.08 -0.43 -5.47
N SER A 1030 15.90 0.87 -5.76
CA SER A 1030 17.01 1.78 -5.61
C SER A 1030 17.49 1.84 -4.18
N LEU A 1031 16.58 1.80 -3.23
CA LEU A 1031 17.01 1.86 -1.84
C LEU A 1031 17.85 0.66 -1.46
N LYS A 1032 17.45 -0.53 -1.88
CA LYS A 1032 18.22 -1.70 -1.48
C LYS A 1032 19.57 -1.74 -2.16
N GLY A 1033 19.65 -1.18 -3.35
CA GLY A 1033 20.87 -1.16 -4.13
C GLY A 1033 21.77 0.02 -3.82
N LEU A 1034 21.41 0.84 -2.83
CA LEU A 1034 22.15 2.05 -2.54
C LEU A 1034 23.65 1.86 -2.42
N TRP A 1035 24.08 0.75 -1.84
CA TRP A 1035 25.50 0.59 -1.64
C TRP A 1035 26.24 0.45 -2.95
N THR A 1036 25.59 -0.09 -3.97
CA THR A 1036 26.30 -0.28 -5.21
C THR A 1036 26.03 0.87 -6.13
N LEU A 1037 24.92 1.56 -5.95
CA LEU A 1037 24.68 2.68 -6.80
C LEU A 1037 25.78 3.68 -6.58
N ARG A 1038 26.17 3.87 -5.32
CA ARG A 1038 27.28 4.77 -5.14
C ARG A 1038 28.60 4.15 -5.57
N ALA A 1039 28.82 2.86 -5.27
CA ALA A 1039 30.11 2.26 -5.59
C ALA A 1039 30.44 2.33 -7.06
N PHE A 1040 29.47 2.16 -7.91
CA PHE A 1040 29.74 2.17 -9.32
C PHE A 1040 29.41 3.48 -10.05
N GLY A 1041 29.12 4.57 -9.33
CA GLY A 1041 28.86 5.81 -10.05
C GLY A 1041 27.62 5.79 -10.94
N ARG A 1042 26.54 5.14 -10.52
CA ARG A 1042 25.40 5.03 -11.41
C ARG A 1042 24.24 5.95 -11.11
N GLN A 1043 24.41 6.83 -10.15
CA GLN A 1043 23.38 7.76 -9.75
C GLN A 1043 22.59 8.40 -10.91
N PRO A 1044 23.21 8.98 -11.97
CA PRO A 1044 22.48 9.63 -13.04
C PRO A 1044 21.72 8.65 -13.90
N TYR A 1045 22.13 7.40 -13.87
CA TYR A 1045 21.43 6.44 -14.67
C TYR A 1045 20.06 6.30 -14.07
N PHE A 1046 20.07 6.12 -12.77
CA PHE A 1046 18.86 5.92 -12.04
C PHE A 1046 17.98 7.15 -11.98
N GLU A 1047 18.59 8.33 -11.98
CA GLU A 1047 17.78 9.53 -12.00
C GLU A 1047 17.00 9.57 -13.30
N THR A 1048 17.64 9.14 -14.38
CA THR A 1048 16.98 9.12 -15.67
C THR A 1048 15.82 8.15 -15.65
N LEU A 1049 16.05 6.96 -15.10
CA LEU A 1049 14.98 5.98 -15.07
C LEU A 1049 13.81 6.45 -14.23
N PHE A 1050 14.12 7.08 -13.10
CA PHE A 1050 13.09 7.57 -12.23
C PHE A 1050 12.25 8.60 -12.95
N HIS A 1051 12.88 9.49 -13.69
CA HIS A 1051 12.10 10.48 -14.40
C HIS A 1051 11.22 9.85 -15.45
N LYS A 1052 11.74 8.86 -16.18
CA LYS A 1052 10.86 8.28 -17.17
C LYS A 1052 9.62 7.70 -16.51
N ALA A 1053 9.78 7.03 -15.38
CA ALA A 1053 8.63 6.48 -14.70
C ALA A 1053 7.66 7.59 -14.29
N LEU A 1054 8.18 8.71 -13.82
CA LEU A 1054 7.29 9.79 -13.44
C LEU A 1054 6.54 10.33 -14.61
N ASN A 1055 7.21 10.44 -15.76
CA ASN A 1055 6.55 10.99 -16.92
C ASN A 1055 5.43 10.07 -17.37
N LEU A 1056 5.63 8.76 -17.28
CA LEU A 1056 4.55 7.87 -17.64
C LEU A 1056 3.34 8.08 -16.77
N HIS A 1057 3.58 8.13 -15.47
CA HIS A 1057 2.50 8.28 -14.56
C HIS A 1057 1.75 9.55 -14.77
N THR A 1058 2.48 10.66 -14.90
CA THR A 1058 1.79 11.90 -15.02
C THR A 1058 1.00 11.93 -16.32
N ALA A 1059 1.52 11.33 -17.39
CA ALA A 1059 0.76 11.38 -18.61
C ALA A 1059 -0.61 10.75 -18.45
N ASN A 1060 -0.67 9.62 -17.76
CA ASN A 1060 -1.95 8.98 -17.59
C ASN A 1060 -2.83 9.74 -16.62
N TRP A 1061 -2.23 10.28 -15.59
CA TRP A 1061 -2.98 11.02 -14.59
C TRP A 1061 -3.63 12.21 -15.25
N PHE A 1062 -2.85 12.88 -16.08
CA PHE A 1062 -3.27 14.08 -16.74
C PHE A 1062 -4.40 13.78 -17.70
N LEU A 1063 -4.29 12.69 -18.47
CA LEU A 1063 -5.37 12.37 -19.37
C LEU A 1063 -6.67 12.18 -18.62
N TYR A 1064 -6.62 11.45 -17.52
CA TYR A 1064 -7.80 11.21 -16.73
C TYR A 1064 -8.42 12.53 -16.30
N LEU A 1065 -7.59 13.43 -15.79
CA LEU A 1065 -8.09 14.72 -15.36
C LEU A 1065 -8.74 15.48 -16.49
N SER A 1066 -8.09 15.50 -17.65
CA SER A 1066 -8.62 16.24 -18.76
C SER A 1066 -9.96 15.74 -19.24
N THR A 1067 -10.16 14.43 -19.35
CA THR A 1067 -11.47 14.04 -19.82
C THR A 1067 -12.54 14.44 -18.83
N LEU A 1068 -12.23 14.39 -17.54
CA LEU A 1068 -13.22 14.76 -16.59
C LEU A 1068 -13.57 16.22 -16.68
N ARG A 1069 -12.58 17.07 -16.83
CA ARG A 1069 -12.88 18.47 -16.88
C ARG A 1069 -13.73 18.81 -18.08
N TRP A 1070 -13.43 18.20 -19.23
CA TRP A 1070 -14.19 18.47 -20.44
C TRP A 1070 -15.63 18.09 -20.21
N PHE A 1071 -15.83 16.94 -19.62
CA PHE A 1071 -17.14 16.48 -19.35
C PHE A 1071 -17.88 17.47 -18.50
N GLN A 1072 -17.27 17.96 -17.43
CA GLN A 1072 -18.01 18.88 -16.60
C GLN A 1072 -18.37 20.17 -17.32
N MET A 1073 -17.50 20.64 -18.20
CA MET A 1073 -17.80 21.86 -18.92
C MET A 1073 -19.02 21.68 -19.80
N ARG A 1074 -19.10 20.53 -20.46
CA ARG A 1074 -20.22 20.29 -21.33
C ARG A 1074 -21.49 20.25 -20.52
N ILE A 1075 -21.42 19.64 -19.35
CA ILE A 1075 -22.57 19.55 -18.52
C ILE A 1075 -23.05 20.91 -18.10
N GLU A 1076 -22.13 21.77 -17.71
CA GLU A 1076 -22.59 23.05 -17.27
C GLU A 1076 -23.21 23.83 -18.42
N MET A 1077 -22.64 23.76 -19.61
CA MET A 1077 -23.25 24.53 -20.69
C MET A 1077 -24.67 24.09 -21.00
N ILE A 1078 -24.95 22.79 -20.89
CA ILE A 1078 -26.31 22.35 -21.15
C ILE A 1078 -27.21 22.98 -20.10
N PHE A 1079 -26.76 22.99 -18.84
CA PHE A 1079 -27.58 23.59 -17.83
C PHE A 1079 -27.79 25.08 -18.10
N VAL A 1080 -26.76 25.76 -18.57
CA VAL A 1080 -26.91 27.17 -18.85
C VAL A 1080 -27.96 27.40 -19.91
N VAL A 1081 -27.98 26.58 -20.94
CA VAL A 1081 -28.98 26.79 -21.95
C VAL A 1081 -30.39 26.57 -21.47
N PHE A 1082 -30.68 25.49 -20.73
CA PHE A 1082 -32.09 25.42 -20.38
C PHE A 1082 -32.44 26.59 -19.49
N PHE A 1083 -31.49 27.11 -18.71
CA PHE A 1083 -31.79 28.22 -17.84
C PHE A 1083 -32.30 29.39 -18.61
N SER A 1084 -31.60 29.73 -19.68
CA SER A 1084 -32.01 30.86 -20.48
C SER A 1084 -33.40 30.64 -21.01
N ALA A 1085 -33.67 29.44 -21.52
CA ALA A 1085 -34.98 29.19 -22.05
C ALA A 1085 -36.06 29.34 -21.01
N VAL A 1086 -35.81 28.87 -19.81
CA VAL A 1086 -36.80 28.96 -18.76
C VAL A 1086 -37.04 30.37 -18.34
N ALA A 1087 -35.97 31.15 -18.22
CA ALA A 1087 -36.16 32.52 -17.82
C ALA A 1087 -37.07 33.21 -18.81
N PHE A 1088 -36.90 32.92 -20.10
CA PHE A 1088 -37.76 33.52 -21.08
C PHE A 1088 -39.16 32.96 -21.14
N ILE A 1089 -39.35 31.71 -20.77
CA ILE A 1089 -40.72 31.25 -20.79
C ILE A 1089 -41.50 32.13 -19.82
N SER A 1090 -40.94 32.33 -18.62
CA SER A 1090 -41.64 33.15 -17.65
C SER A 1090 -41.77 34.60 -18.10
N ILE A 1091 -40.71 35.16 -18.66
CA ILE A 1091 -40.77 36.56 -19.08
C ILE A 1091 -41.82 36.82 -20.15
N ILE A 1092 -41.84 35.94 -21.15
CA ILE A 1092 -42.72 35.98 -22.31
C ILE A 1092 -44.20 35.78 -22.02
N THR A 1093 -44.55 34.83 -21.17
CA THR A 1093 -45.95 34.58 -20.90
C THR A 1093 -46.57 35.69 -20.06
N THR A 1094 -47.89 35.67 -19.95
CA THR A 1094 -48.64 36.73 -19.30
C THR A 1094 -48.51 36.73 -17.79
N GLY A 1095 -47.35 37.16 -17.34
CA GLY A 1095 -46.99 37.23 -15.93
C GLY A 1095 -47.66 38.44 -15.28
N ASP A 1096 -48.99 38.42 -15.30
CA ASP A 1096 -49.86 39.52 -14.84
C ASP A 1096 -50.16 39.43 -13.35
N GLY A 1097 -49.66 38.37 -12.75
CA GLY A 1097 -49.80 38.03 -11.34
C GLY A 1097 -48.37 37.81 -10.83
N PRO A 1098 -47.54 38.87 -10.90
CA PRO A 1098 -46.07 38.91 -10.88
C PRO A 1098 -45.41 38.02 -9.86
N GLY A 1099 -46.05 37.72 -8.74
CA GLY A 1099 -45.38 36.87 -7.77
C GLY A 1099 -45.00 35.54 -8.40
N ARG A 1100 -45.81 35.05 -9.36
CA ARG A 1100 -45.54 33.78 -10.03
C ARG A 1100 -44.32 33.88 -10.96
N VAL A 1101 -43.98 35.10 -11.34
CA VAL A 1101 -42.89 35.30 -12.24
C VAL A 1101 -41.67 35.24 -11.38
N GLY A 1102 -41.76 35.92 -10.25
CA GLY A 1102 -40.69 35.99 -9.31
C GLY A 1102 -40.27 34.62 -8.85
N ILE A 1103 -41.23 33.81 -8.40
CA ILE A 1103 -40.83 32.51 -7.94
C ILE A 1103 -40.25 31.64 -9.04
N ILE A 1104 -40.75 31.71 -10.28
CA ILE A 1104 -40.10 30.88 -11.25
C ILE A 1104 -38.67 31.31 -11.44
N LEU A 1105 -38.46 32.61 -11.55
CA LEU A 1105 -37.12 33.09 -11.79
C LEU A 1105 -36.13 32.78 -10.67
N THR A 1106 -36.52 32.88 -9.41
CA THR A 1106 -35.54 32.59 -8.36
C THR A 1106 -35.31 31.10 -8.25
N LEU A 1107 -36.34 30.31 -8.51
CA LEU A 1107 -36.12 28.89 -8.42
C LEU A 1107 -35.14 28.47 -9.46
N ALA A 1108 -35.29 29.03 -10.66
CA ALA A 1108 -34.36 28.64 -11.68
C ALA A 1108 -32.97 29.18 -11.40
N MET A 1109 -32.85 30.42 -10.95
CA MET A 1109 -31.52 30.95 -10.76
C MET A 1109 -30.71 30.16 -9.75
N ASN A 1110 -31.36 29.72 -8.68
CA ASN A 1110 -30.65 29.07 -7.61
C ASN A 1110 -30.62 27.54 -7.69
N ILE A 1111 -31.08 26.97 -8.79
CA ILE A 1111 -31.11 25.51 -8.93
C ILE A 1111 -29.75 24.86 -9.19
N MET A 1112 -28.78 25.64 -9.63
CA MET A 1112 -27.52 25.09 -10.08
C MET A 1112 -26.64 24.43 -9.00
N GLY A 1113 -26.73 24.88 -7.76
CA GLY A 1113 -25.89 24.29 -6.71
C GLY A 1113 -26.20 22.82 -6.56
N THR A 1114 -27.49 22.53 -6.39
CA THR A 1114 -27.99 21.19 -6.22
C THR A 1114 -27.66 20.34 -7.43
N LEU A 1115 -27.79 20.92 -8.62
CA LEU A 1115 -27.52 20.16 -9.81
C LEU A 1115 -26.06 19.73 -9.92
N GLN A 1116 -25.11 20.56 -9.49
CA GLN A 1116 -23.73 20.11 -9.59
C GLN A 1116 -23.49 18.90 -8.70
N TRP A 1117 -24.09 18.90 -7.52
CA TRP A 1117 -23.92 17.77 -6.62
C TRP A 1117 -24.52 16.51 -7.22
N ALA A 1118 -25.67 16.67 -7.86
CA ALA A 1118 -26.36 15.56 -8.49
C ALA A 1118 -25.51 14.91 -9.57
N VAL A 1119 -24.76 15.71 -10.30
CA VAL A 1119 -23.97 15.09 -11.33
C VAL A 1119 -22.93 14.21 -10.69
N ASN A 1120 -22.25 14.74 -9.70
CA ASN A 1120 -21.22 13.95 -9.08
C ASN A 1120 -21.77 12.76 -8.35
N SER A 1121 -22.95 12.87 -7.75
CA SER A 1121 -23.46 11.73 -7.03
C SER A 1121 -23.78 10.61 -7.99
N SER A 1122 -24.23 10.94 -9.21
CA SER A 1122 -24.59 9.88 -10.12
C SER A 1122 -23.36 9.09 -10.55
N ILE A 1123 -22.22 9.77 -10.60
CA ILE A 1123 -20.97 9.13 -10.96
C ILE A 1123 -20.58 8.13 -9.89
N ASP A 1124 -20.64 8.56 -8.63
CA ASP A 1124 -20.29 7.65 -7.56
C ASP A 1124 -21.21 6.45 -7.50
N VAL A 1125 -22.48 6.65 -7.81
CA VAL A 1125 -23.40 5.53 -7.76
C VAL A 1125 -23.02 4.48 -8.76
N ASP A 1126 -22.66 4.87 -9.96
CA ASP A 1126 -22.32 3.85 -10.94
C ASP A 1126 -21.12 3.03 -10.47
N SER A 1127 -20.13 3.69 -9.85
CA SER A 1127 -18.98 2.96 -9.38
C SER A 1127 -19.37 1.97 -8.31
N LEU A 1128 -20.26 2.39 -7.41
CA LEU A 1128 -20.71 1.49 -6.37
C LEU A 1128 -21.43 0.30 -6.91
N MET A 1129 -22.29 0.49 -7.89
CA MET A 1129 -22.99 -0.69 -8.39
C MET A 1129 -22.04 -1.65 -9.08
N ARG A 1130 -21.01 -1.13 -9.76
CA ARG A 1130 -20.08 -2.04 -10.40
C ARG A 1130 -19.34 -2.86 -9.36
N SER A 1131 -19.02 -2.25 -8.22
CA SER A 1131 -18.38 -2.98 -7.14
C SER A 1131 -19.32 -4.03 -6.59
N VAL A 1132 -20.60 -3.70 -6.46
CA VAL A 1132 -21.50 -4.69 -5.92
C VAL A 1132 -21.52 -5.91 -6.81
N SER A 1133 -21.56 -5.71 -8.11
CA SER A 1133 -21.52 -6.85 -9.00
C SER A 1133 -20.25 -7.67 -8.83
N ARG A 1134 -19.11 -7.02 -8.72
CA ARG A 1134 -17.85 -7.77 -8.62
C ARG A 1134 -17.90 -8.64 -7.36
N ILE A 1135 -18.48 -8.13 -6.28
CA ILE A 1135 -18.56 -8.91 -5.06
C ILE A 1135 -19.50 -10.07 -5.25
N PHE A 1136 -20.64 -9.79 -5.83
CA PHE A 1136 -21.68 -10.77 -6.00
C PHE A 1136 -21.25 -11.90 -6.86
N LYS A 1137 -20.45 -11.64 -7.85
CA LYS A 1137 -19.98 -12.71 -8.70
C LYS A 1137 -19.42 -13.88 -7.87
N PHE A 1138 -18.85 -13.62 -6.69
CA PHE A 1138 -18.28 -14.70 -5.88
C PHE A 1138 -19.28 -15.42 -5.00
N ILE A 1139 -20.44 -14.80 -4.74
CA ILE A 1139 -21.39 -15.32 -3.77
C ILE A 1139 -22.84 -15.52 -4.21
N ASP A 1140 -23.24 -15.01 -5.40
CA ASP A 1140 -24.64 -15.00 -5.91
C ASP A 1140 -25.25 -13.71 -5.29
N GLY A 1177 -7.94 -48.78 5.55
CA GLY A 1177 -7.45 -48.06 4.38
C GLY A 1177 -5.96 -47.95 4.61
N GLY A 1178 -5.43 -48.79 5.53
CA GLY A 1178 -4.02 -48.75 5.89
C GLY A 1178 -3.25 -49.00 4.65
N GLN A 1179 -3.77 -49.86 3.80
CA GLN A 1179 -3.12 -50.04 2.55
C GLN A 1179 -3.77 -49.01 1.67
N MET A 1180 -3.02 -48.01 1.27
CA MET A 1180 -3.72 -47.00 0.50
C MET A 1180 -4.01 -47.63 -0.81
N THR A 1181 -5.27 -47.56 -1.26
CA THR A 1181 -5.54 -48.13 -2.56
C THR A 1181 -6.05 -47.10 -3.56
N VAL A 1182 -5.27 -46.90 -4.61
CA VAL A 1182 -5.65 -45.95 -5.65
C VAL A 1182 -5.91 -46.70 -6.93
N THR A 1183 -7.13 -46.61 -7.42
CA THR A 1183 -7.45 -47.28 -8.68
C THR A 1183 -7.82 -46.34 -9.82
N ASP A 1184 -7.10 -46.39 -10.94
CA ASP A 1184 -7.39 -45.63 -12.18
C ASP A 1184 -7.56 -44.10 -12.00
N LEU A 1185 -6.87 -43.50 -11.02
CA LEU A 1185 -6.97 -42.09 -10.67
C LEU A 1185 -6.52 -41.17 -11.81
N THR A 1186 -7.32 -40.13 -12.07
CA THR A 1186 -7.12 -39.12 -13.12
C THR A 1186 -7.38 -37.73 -12.54
N ALA A 1187 -6.61 -36.72 -12.93
CA ALA A 1187 -6.73 -35.35 -12.42
C ALA A 1187 -6.46 -34.28 -13.49
N ARG A 1188 -7.07 -33.09 -13.33
CA ARG A 1188 -6.93 -31.90 -14.20
C ARG A 1188 -6.93 -30.62 -13.35
N TYR A 1189 -6.36 -29.53 -13.89
CA TYR A 1189 -6.47 -28.21 -13.28
C TYR A 1189 -7.79 -27.47 -13.59
N THR A 1190 -8.57 -27.90 -14.61
CA THR A 1190 -9.95 -27.50 -14.91
C THR A 1190 -10.64 -28.63 -15.69
N GLU A 1191 -11.97 -28.65 -15.80
CA GLU A 1191 -12.70 -29.66 -16.59
C GLU A 1191 -12.29 -29.70 -18.08
N GLY A 1192 -11.92 -28.54 -18.64
CA GLY A 1192 -11.23 -28.41 -19.93
C GLY A 1192 -9.73 -28.65 -19.77
N GLY A 1193 -8.93 -27.59 -19.96
CA GLY A 1193 -7.52 -27.52 -19.57
C GLY A 1193 -6.66 -28.67 -20.11
N THR A 1194 -5.89 -29.29 -19.21
CA THR A 1194 -5.07 -30.48 -19.49
C THR A 1194 -5.16 -31.45 -18.31
N ALA A 1195 -5.11 -32.76 -18.56
CA ALA A 1195 -4.99 -33.75 -17.51
C ALA A 1195 -3.52 -33.85 -17.06
N VAL A 1196 -3.26 -33.50 -15.80
CA VAL A 1196 -1.95 -33.51 -15.14
C VAL A 1196 -1.54 -34.92 -14.65
N LEU A 1197 -2.49 -35.85 -14.68
CA LEU A 1197 -2.38 -37.22 -14.20
C LEU A 1197 -3.55 -38.03 -14.80
N GLU A 1198 -3.31 -39.20 -15.40
CA GLU A 1198 -4.41 -40.04 -15.92
C GLU A 1198 -4.22 -41.55 -15.68
N ASN A 1199 -5.31 -42.22 -15.27
CA ASN A 1199 -5.42 -43.67 -15.04
C ASN A 1199 -4.29 -44.30 -14.18
N ILE A 1200 -3.70 -43.57 -13.22
CA ILE A 1200 -2.70 -44.14 -12.29
C ILE A 1200 -3.36 -45.07 -11.25
N SER A 1201 -2.76 -46.23 -11.01
CA SER A 1201 -3.15 -47.12 -9.95
C SER A 1201 -1.93 -47.30 -9.07
N PHE A 1202 -2.12 -47.32 -7.76
CA PHE A 1202 -0.99 -47.46 -6.84
C PHE A 1202 -1.34 -47.99 -5.47
N SER A 1203 -0.53 -48.92 -4.95
CA SER A 1203 -0.79 -49.38 -3.59
C SER A 1203 0.33 -49.09 -2.60
N ILE A 1204 -0.05 -48.69 -1.38
CA ILE A 1204 0.94 -48.50 -0.27
C ILE A 1204 0.62 -49.42 0.86
N SER A 1205 1.52 -50.35 1.22
CA SER A 1205 1.20 -51.28 2.30
C SER A 1205 1.16 -50.56 3.63
N SER A 1206 0.30 -50.97 4.54
CA SER A 1206 0.20 -50.24 5.79
C SER A 1206 1.52 -50.20 6.53
N GLY A 1207 1.95 -49.00 6.90
CA GLY A 1207 3.18 -48.78 7.65
C GLY A 1207 4.42 -48.80 6.77
N GLN A 1208 4.23 -48.98 5.47
CA GLN A 1208 5.33 -49.08 4.54
C GLN A 1208 5.94 -47.74 4.25
N THR A 1209 7.27 -47.69 4.21
CA THR A 1209 7.86 -46.44 3.82
C THR A 1209 7.91 -46.47 2.32
N VAL A 1210 7.29 -45.49 1.72
CA VAL A 1210 7.23 -45.44 0.28
C VAL A 1210 7.57 -44.08 -0.20
N GLY A 1211 7.88 -44.00 -1.46
CA GLY A 1211 8.07 -42.68 -1.96
C GLY A 1211 8.02 -42.58 -3.44
N LEU A 1212 8.19 -41.35 -3.89
CA LEU A 1212 8.10 -40.97 -5.27
C LEU A 1212 9.36 -40.40 -5.86
N LEU A 1213 9.57 -40.76 -7.13
CA LEU A 1213 10.62 -40.15 -7.94
C LEU A 1213 9.99 -39.59 -9.19
N GLY A 1214 10.59 -38.53 -9.71
CA GLY A 1214 10.11 -37.94 -10.93
C GLY A 1214 10.88 -36.66 -11.17
N ARG A 1215 10.69 -36.09 -12.36
CA ARG A 1215 11.34 -34.84 -12.69
C ARG A 1215 10.66 -33.68 -11.96
N THR A 1216 11.41 -32.60 -11.77
CA THR A 1216 10.86 -31.34 -11.29
C THR A 1216 9.82 -30.84 -12.32
N GLY A 1217 8.63 -30.47 -11.84
CA GLY A 1217 7.53 -30.04 -12.67
C GLY A 1217 6.78 -31.21 -13.32
N SER A 1218 7.02 -32.48 -12.94
CA SER A 1218 6.24 -33.63 -13.41
C SER A 1218 4.86 -33.78 -12.72
N GLY A 1219 4.43 -32.78 -11.94
CA GLY A 1219 3.13 -32.81 -11.27
C GLY A 1219 3.15 -33.67 -10.00
N LYS A 1220 4.29 -33.81 -9.31
CA LYS A 1220 4.42 -34.45 -8.00
C LYS A 1220 3.35 -34.01 -6.99
N SER A 1221 3.17 -32.68 -6.91
CA SER A 1221 2.19 -32.02 -6.06
C SER A 1221 0.74 -32.33 -6.43
N THR A 1222 0.48 -32.75 -7.68
CA THR A 1222 -0.86 -33.08 -8.15
C THR A 1222 -1.32 -34.46 -7.72
N LEU A 1223 -0.39 -35.41 -7.46
CA LEU A 1223 -0.73 -36.62 -6.70
C LEU A 1223 -1.16 -36.25 -5.28
N LEU A 1224 -0.40 -35.37 -4.59
CA LEU A 1224 -0.76 -35.02 -3.22
C LEU A 1224 -2.10 -34.31 -3.20
N PHE A 1225 -2.30 -33.44 -4.17
CA PHE A 1225 -3.54 -32.69 -4.22
C PHE A 1225 -4.67 -33.58 -4.66
N ALA A 1226 -4.42 -34.56 -5.48
CA ALA A 1226 -5.46 -35.55 -5.86
C ALA A 1226 -5.93 -36.26 -4.58
N PHE A 1227 -5.01 -36.54 -3.65
CA PHE A 1227 -5.42 -37.20 -2.42
C PHE A 1227 -6.15 -36.27 -1.49
N LEU A 1228 -5.78 -35.00 -1.54
CA LEU A 1228 -6.42 -34.01 -0.71
C LEU A 1228 -7.68 -33.47 -1.36
N ARG A 1229 -8.04 -34.02 -2.52
CA ARG A 1229 -9.23 -33.58 -3.23
C ARG A 1229 -9.22 -32.10 -3.53
N LEU A 1230 -8.08 -31.62 -4.04
CA LEU A 1230 -7.97 -30.23 -4.47
C LEU A 1230 -8.05 -30.11 -5.99
N LEU A 1231 -8.29 -31.20 -6.74
CA LEU A 1231 -8.28 -31.23 -8.21
C LEU A 1231 -9.55 -31.86 -8.82
N ASN A 1232 -9.92 -31.38 -10.02
CA ASN A 1232 -10.91 -32.03 -10.89
C ASN A 1232 -10.43 -33.45 -11.21
N THR A 1233 -11.16 -34.47 -10.74
CA THR A 1233 -10.62 -35.85 -10.61
C THR A 1233 -11.65 -36.94 -10.90
N GLU A 1234 -11.15 -38.13 -11.27
CA GLU A 1234 -11.90 -39.35 -11.57
C GLU A 1234 -11.12 -40.60 -11.08
N GLY A 1235 -11.80 -41.73 -10.88
CA GLY A 1235 -11.20 -42.97 -10.34
C GLY A 1235 -11.52 -43.19 -8.85
N ASP A 1236 -11.02 -44.28 -8.27
CA ASP A 1236 -11.44 -44.71 -6.92
C ASP A 1236 -10.31 -44.82 -5.89
N ILE A 1237 -10.34 -43.95 -4.92
CA ILE A 1237 -9.34 -43.92 -3.88
C ILE A 1237 -9.93 -44.40 -2.57
N GLN A 1238 -9.40 -45.50 -2.03
CA GLN A 1238 -9.90 -46.06 -0.76
C GLN A 1238 -8.97 -45.79 0.42
N ILE A 1239 -9.48 -44.94 1.31
CA ILE A 1239 -8.78 -44.46 2.51
C ILE A 1239 -9.69 -44.59 3.73
N ASP A 1240 -9.13 -45.05 4.82
CA ASP A 1240 -9.85 -45.31 6.07
C ASP A 1240 -10.98 -46.28 5.78
N GLY A 1241 -10.73 -47.21 4.87
CA GLY A 1241 -11.64 -48.27 4.47
C GLY A 1241 -12.70 -47.87 3.45
N VAL A 1242 -12.76 -46.60 3.06
CA VAL A 1242 -13.82 -46.20 2.15
C VAL A 1242 -13.37 -45.36 0.97
N SER A 1243 -14.18 -45.38 -0.07
CA SER A 1243 -13.93 -44.54 -1.21
C SER A 1243 -14.13 -43.07 -0.88
N TRP A 1244 -13.28 -42.22 -1.44
CA TRP A 1244 -13.43 -40.76 -1.29
C TRP A 1244 -14.80 -40.28 -1.71
N ASN A 1245 -15.44 -41.02 -2.59
CA ASN A 1245 -16.74 -40.65 -3.13
C ASN A 1245 -17.83 -40.58 -2.07
N THR A 1246 -17.63 -41.28 -0.95
CA THR A 1246 -18.60 -41.33 0.12
C THR A 1246 -18.13 -40.60 1.35
N VAL A 1247 -17.01 -39.87 1.27
CA VAL A 1247 -16.47 -39.19 2.44
C VAL A 1247 -16.28 -37.69 2.16
N SER A 1248 -16.77 -36.82 3.05
CA SER A 1248 -16.58 -35.41 2.79
C SER A 1248 -15.13 -35.03 2.92
N LEU A 1249 -14.84 -33.85 2.46
CA LEU A 1249 -13.48 -33.41 2.40
C LEU A 1249 -12.78 -33.33 3.74
N GLN A 1250 -13.49 -32.98 4.81
CA GLN A 1250 -12.75 -32.81 6.05
C GLN A 1250 -12.14 -34.06 6.62
N GLN A 1251 -12.85 -35.17 6.61
CA GLN A 1251 -12.21 -36.33 7.15
C GLN A 1251 -11.37 -37.02 6.15
N TRP A 1252 -11.72 -36.86 4.90
CA TRP A 1252 -10.89 -37.51 3.94
C TRP A 1252 -9.52 -36.90 4.12
N ARG A 1253 -9.46 -35.56 4.10
CA ARG A 1253 -8.21 -34.85 4.25
C ARG A 1253 -7.59 -35.02 5.63
N LYS A 1254 -8.40 -35.12 6.68
CA LYS A 1254 -7.90 -35.25 8.05
C LYS A 1254 -6.85 -36.35 8.18
N ALA A 1255 -7.05 -37.44 7.48
CA ALA A 1255 -6.14 -38.57 7.55
C ALA A 1255 -4.72 -38.27 7.10
N PHE A 1256 -4.57 -37.20 6.30
CA PHE A 1256 -3.31 -36.86 5.68
C PHE A 1256 -2.59 -35.66 6.30
N GLY A 1257 -1.44 -35.94 6.89
CA GLY A 1257 -0.60 -34.92 7.51
C GLY A 1257 0.45 -34.55 6.47
N VAL A 1258 0.35 -33.39 5.89
CA VAL A 1258 1.25 -33.08 4.80
C VAL A 1258 2.11 -31.89 5.02
N ILE A 1259 3.40 -32.06 4.71
CA ILE A 1259 4.34 -30.98 4.82
C ILE A 1259 4.90 -30.66 3.43
N PRO A 1260 4.42 -29.58 2.79
CA PRO A 1260 4.75 -29.11 1.47
C PRO A 1260 6.12 -28.48 1.48
N GLN A 1261 6.73 -28.33 0.30
CA GLN A 1261 8.00 -27.61 0.26
C GLN A 1261 7.83 -26.18 0.77
N LYS A 1262 6.72 -25.54 0.42
CA LYS A 1262 6.47 -24.20 0.87
C LYS A 1262 5.64 -24.25 2.14
N VAL A 1263 6.29 -24.10 3.28
CA VAL A 1263 5.59 -24.24 4.53
C VAL A 1263 4.87 -22.98 4.96
N PHE A 1264 3.60 -23.16 5.27
CA PHE A 1264 2.79 -22.04 5.73
C PHE A 1264 2.92 -21.71 7.19
N ILE A 1265 3.31 -20.49 7.45
CA ILE A 1265 3.41 -19.99 8.78
C ILE A 1265 2.34 -18.95 9.01
N PHE A 1266 1.53 -19.23 10.02
CA PHE A 1266 0.50 -18.32 10.49
C PHE A 1266 1.15 -17.28 11.41
N SER A 1267 0.92 -16.00 11.16
CA SER A 1267 1.47 -14.98 12.05
C SER A 1267 0.71 -14.95 13.37
N GLY A 1268 1.43 -14.74 14.47
CA GLY A 1268 0.78 -14.70 15.76
C GLY A 1268 1.49 -15.53 16.82
N THR A 1269 0.81 -15.68 17.94
CA THR A 1269 1.26 -16.39 19.11
C THR A 1269 1.53 -17.86 18.79
N PHE A 1270 2.67 -18.41 19.23
CA PHE A 1270 2.97 -19.82 18.92
C PHE A 1270 1.89 -20.76 19.37
N ARG A 1271 1.32 -20.52 20.52
CA ARG A 1271 0.27 -21.41 20.95
C ARG A 1271 -0.83 -21.54 19.88
N LYS A 1272 -1.19 -20.45 19.19
CA LYS A 1272 -2.25 -20.49 18.19
C LYS A 1272 -1.73 -21.03 16.88
N ASN A 1273 -0.46 -20.77 16.61
CA ASN A 1273 0.11 -21.21 15.35
C ASN A 1273 0.09 -22.71 15.30
N LEU A 1274 0.37 -23.31 16.45
CA LEU A 1274 0.41 -24.74 16.61
C LEU A 1274 -0.97 -25.31 16.89
N ASP A 1275 -1.81 -24.56 17.61
CA ASP A 1275 -3.15 -25.03 17.90
C ASP A 1275 -4.17 -23.91 17.81
N PRO A 1276 -4.72 -23.66 16.62
CA PRO A 1276 -5.62 -22.59 16.32
C PRO A 1276 -7.00 -22.82 16.95
N TYR A 1277 -7.22 -24.02 17.50
CA TYR A 1277 -8.51 -24.33 18.10
C TYR A 1277 -8.50 -24.32 19.62
N GLY A 1278 -7.34 -24.23 20.26
CA GLY A 1278 -7.35 -24.23 21.71
C GLY A 1278 -7.75 -25.57 22.34
N GLN A 1279 -7.39 -26.67 21.71
CA GLN A 1279 -7.79 -27.97 22.20
C GLN A 1279 -6.68 -28.64 23.00
N TRP A 1280 -5.44 -28.24 22.75
CA TRP A 1280 -4.31 -28.86 23.43
C TRP A 1280 -3.87 -28.02 24.62
N ASN A 1281 -3.44 -28.68 25.68
CA ASN A 1281 -2.96 -28.01 26.88
C ASN A 1281 -1.50 -27.63 26.76
N ASP A 1282 -1.05 -26.68 27.56
CA ASP A 1282 0.33 -26.20 27.49
C ASP A 1282 1.32 -27.32 27.75
N GLU A 1283 0.98 -28.19 28.67
CA GLU A 1283 1.82 -29.31 29.04
C GLU A 1283 2.00 -30.26 27.88
N GLU A 1284 0.92 -30.45 27.15
CA GLU A 1284 0.87 -31.34 26.02
C GLU A 1284 1.65 -30.73 24.87
N ILE A 1285 1.54 -29.41 24.75
CA ILE A 1285 2.23 -28.68 23.73
C ILE A 1285 3.71 -28.78 23.99
N TRP A 1286 4.11 -28.59 25.23
CA TRP A 1286 5.50 -28.73 25.53
C TRP A 1286 5.96 -30.15 25.32
N LYS A 1287 5.15 -31.15 25.68
CA LYS A 1287 5.57 -32.50 25.46
C LYS A 1287 5.89 -32.70 23.99
N VAL A 1288 5.01 -32.22 23.09
CA VAL A 1288 5.32 -32.43 21.69
C VAL A 1288 6.53 -31.60 21.26
N ALA A 1289 6.69 -30.37 21.79
CA ALA A 1289 7.84 -29.57 21.42
C ALA A 1289 9.10 -30.33 21.78
N GLU A 1290 9.06 -31.06 22.88
CA GLU A 1290 10.21 -31.83 23.25
C GLU A 1290 10.37 -33.00 22.28
N GLU A 1291 9.26 -33.67 21.94
CA GLU A 1291 9.29 -34.84 21.06
C GLU A 1291 9.81 -34.53 19.69
N VAL A 1292 9.51 -33.35 19.18
CA VAL A 1292 9.93 -33.01 17.84
C VAL A 1292 11.21 -32.17 17.82
N GLY A 1293 11.81 -31.91 18.96
CA GLY A 1293 13.02 -31.13 18.98
C GLY A 1293 12.87 -29.60 18.92
N LEU A 1294 11.70 -29.05 19.25
CA LEU A 1294 11.47 -27.62 19.24
C LEU A 1294 11.34 -27.04 20.63
N LYS A 1295 11.69 -27.80 21.64
CA LYS A 1295 11.53 -27.24 22.96
C LYS A 1295 12.56 -26.16 23.18
N SER A 1296 13.79 -26.38 22.71
CA SER A 1296 14.83 -25.39 22.93
C SER A 1296 14.57 -24.16 22.10
N VAL A 1297 13.90 -24.36 20.98
CA VAL A 1297 13.60 -23.27 20.09
C VAL A 1297 12.54 -22.40 20.72
N ILE A 1298 11.49 -23.02 21.27
CA ILE A 1298 10.46 -22.20 21.88
C ILE A 1298 10.98 -21.56 23.15
N GLU A 1299 11.85 -22.23 23.91
CA GLU A 1299 12.38 -21.61 25.11
C GLU A 1299 13.21 -20.36 24.76
N GLN A 1300 13.96 -20.43 23.65
CA GLN A 1300 14.78 -19.31 23.22
C GLN A 1300 13.98 -18.07 22.90
N PHE A 1301 12.79 -18.23 22.35
CA PHE A 1301 11.98 -17.06 22.03
C PHE A 1301 11.23 -16.53 23.27
N PRO A 1302 11.44 -15.27 23.69
CA PRO A 1302 10.84 -14.72 24.90
C PRO A 1302 9.34 -14.89 24.91
N GLY A 1303 8.81 -15.35 26.03
CA GLY A 1303 7.38 -15.58 26.18
C GLY A 1303 7.03 -17.03 25.88
N GLN A 1304 7.91 -17.75 25.23
CA GLN A 1304 7.64 -19.14 24.89
C GLN A 1304 6.32 -19.27 24.16
N LEU A 1305 5.32 -19.86 24.80
CA LEU A 1305 4.02 -20.11 24.15
C LEU A 1305 3.31 -18.81 23.80
N ASP A 1306 3.68 -17.76 24.51
CA ASP A 1306 3.09 -16.46 24.31
C ASP A 1306 3.90 -15.63 23.32
N PHE A 1307 4.99 -16.17 22.80
CA PHE A 1307 5.81 -15.44 21.85
C PHE A 1307 5.08 -15.27 20.55
N VAL A 1308 5.13 -14.06 20.01
CA VAL A 1308 4.49 -13.80 18.74
C VAL A 1308 5.46 -13.87 17.58
N LEU A 1309 5.14 -14.76 16.68
CA LEU A 1309 5.92 -15.04 15.51
C LEU A 1309 5.44 -14.15 14.39
N VAL A 1310 6.36 -13.54 13.67
CA VAL A 1310 5.94 -12.62 12.63
C VAL A 1310 6.58 -12.85 11.27
N ASP A 1311 5.96 -12.21 10.29
CA ASP A 1311 6.41 -12.11 8.91
C ASP A 1311 6.73 -13.43 8.24
N GLY A 1312 5.90 -14.43 8.48
CA GLY A 1312 6.08 -15.72 7.86
C GLY A 1312 7.09 -16.61 8.59
N GLY A 1313 7.48 -16.22 9.79
CA GLY A 1313 8.46 -16.99 10.54
C GLY A 1313 9.85 -16.55 10.12
N CYS A 1314 10.03 -15.23 10.10
CA CYS A 1314 11.28 -14.59 9.67
C CYS A 1314 12.43 -14.81 10.63
N VAL A 1315 12.11 -15.39 11.76
CA VAL A 1315 13.06 -15.70 12.80
C VAL A 1315 13.31 -17.20 12.92
N LEU A 1316 12.69 -18.00 12.06
CA LEU A 1316 12.84 -19.44 12.15
C LEU A 1316 13.65 -20.06 11.03
N SER A 1317 14.30 -21.19 11.34
CA SER A 1317 14.91 -21.99 10.29
C SER A 1317 13.79 -22.66 9.56
N HIS A 1318 13.93 -22.88 8.26
CA HIS A 1318 12.85 -23.56 7.59
C HIS A 1318 12.71 -24.98 8.14
N GLY A 1319 13.79 -25.50 8.73
CA GLY A 1319 13.74 -26.81 9.33
C GLY A 1319 12.79 -26.78 10.52
N HIS A 1320 12.72 -25.65 11.21
CA HIS A 1320 11.88 -25.50 12.37
C HIS A 1320 10.46 -25.47 11.92
N LYS A 1321 10.25 -24.86 10.77
CA LYS A 1321 8.92 -24.72 10.24
C LYS A 1321 8.38 -26.11 9.93
N GLN A 1322 9.27 -26.96 9.41
CA GLN A 1322 8.92 -28.33 9.11
C GLN A 1322 8.62 -29.07 10.41
N LEU A 1323 9.40 -28.80 11.45
CA LEU A 1323 9.14 -29.43 12.72
C LEU A 1323 7.84 -28.93 13.34
N MET A 1324 7.49 -27.66 13.12
CA MET A 1324 6.22 -27.20 13.65
C MET A 1324 5.11 -27.97 12.97
N CYS A 1325 5.25 -28.17 11.65
CA CYS A 1325 4.26 -28.90 10.88
C CYS A 1325 4.15 -30.31 11.43
N LEU A 1326 5.30 -30.89 11.79
CA LEU A 1326 5.30 -32.20 12.35
C LEU A 1326 4.54 -32.21 13.63
N ALA A 1327 4.83 -31.26 14.50
CA ALA A 1327 4.11 -31.25 15.76
C ALA A 1327 2.62 -31.17 15.51
N ARG A 1328 2.21 -30.40 14.50
CA ARG A 1328 0.80 -30.35 14.23
C ARG A 1328 0.27 -31.71 13.79
N SER A 1329 1.02 -32.40 12.93
CA SER A 1329 0.60 -33.69 12.40
C SER A 1329 0.47 -34.74 13.46
N VAL A 1330 1.36 -34.70 14.45
CA VAL A 1330 1.25 -35.72 15.47
C VAL A 1330 0.12 -35.35 16.44
N LEU A 1331 -0.07 -34.07 16.75
CA LEU A 1331 -1.17 -33.70 17.64
C LEU A 1331 -2.49 -33.99 16.97
N SER A 1332 -2.51 -33.85 15.66
CA SER A 1332 -3.69 -34.05 14.85
C SER A 1332 -3.99 -35.52 14.64
N LYS A 1333 -3.07 -36.40 15.04
CA LYS A 1333 -3.18 -37.83 14.88
C LYS A 1333 -3.37 -38.31 13.44
N ALA A 1334 -2.62 -37.72 12.50
CA ALA A 1334 -2.70 -38.14 11.10
C ALA A 1334 -2.05 -39.52 10.96
N LYS A 1335 -2.51 -40.31 9.99
CA LYS A 1335 -1.88 -41.62 9.73
C LYS A 1335 -1.05 -41.63 8.48
N ILE A 1336 -1.38 -40.76 7.55
CA ILE A 1336 -0.65 -40.74 6.32
C ILE A 1336 0.25 -39.53 6.39
N LEU A 1337 1.56 -39.74 6.38
CA LEU A 1337 2.47 -38.60 6.45
C LEU A 1337 3.04 -38.33 5.09
N LEU A 1338 2.94 -37.09 4.63
CA LEU A 1338 3.42 -36.81 3.29
C LEU A 1338 4.49 -35.74 3.30
N LEU A 1339 5.66 -36.12 2.86
CA LEU A 1339 6.81 -35.21 2.88
C LEU A 1339 7.28 -34.76 1.51
N ASP A 1340 7.07 -33.49 1.22
CA ASP A 1340 7.39 -32.93 -0.09
C ASP A 1340 8.84 -32.43 -0.16
N GLU A 1341 9.78 -33.27 -0.63
CA GLU A 1341 11.20 -32.92 -0.70
C GLU A 1341 11.74 -32.01 0.41
N PRO A 1342 11.78 -32.42 1.70
CA PRO A 1342 12.37 -31.61 2.76
C PRO A 1342 13.79 -31.19 2.38
N SER A 1343 14.45 -32.10 1.65
CA SER A 1343 15.82 -31.98 1.17
C SER A 1343 16.00 -30.87 0.15
N ALA A 1344 14.91 -30.36 -0.39
CA ALA A 1344 14.96 -29.28 -1.35
C ALA A 1344 15.63 -28.08 -0.71
N HIS A 1345 15.40 -27.87 0.58
CA HIS A 1345 15.98 -26.72 1.23
C HIS A 1345 16.74 -27.04 2.52
N LEU A 1346 16.48 -28.20 3.12
CA LEU A 1346 17.07 -28.44 4.42
C LEU A 1346 18.38 -29.20 4.37
N ASP A 1347 19.40 -28.58 4.94
CA ASP A 1347 20.73 -29.14 5.02
C ASP A 1347 20.70 -30.48 5.77
N PRO A 1348 21.40 -31.53 5.28
CA PRO A 1348 21.47 -32.86 5.86
C PRO A 1348 21.79 -32.87 7.36
N ILE A 1349 22.50 -31.85 7.87
CA ILE A 1349 22.84 -31.84 9.29
C ILE A 1349 21.59 -31.86 10.17
N THR A 1350 20.47 -31.37 9.64
CA THR A 1350 19.19 -31.35 10.32
C THR A 1350 18.25 -32.36 9.67
N SER A 1351 18.39 -32.57 8.36
CA SER A 1351 17.43 -33.46 7.68
C SER A 1351 17.44 -34.82 8.34
N GLN A 1352 18.63 -35.34 8.66
CA GLN A 1352 18.64 -36.63 9.31
C GLN A 1352 17.99 -36.60 10.68
N VAL A 1353 18.07 -35.46 11.37
CA VAL A 1353 17.50 -35.35 12.70
C VAL A 1353 16.01 -35.47 12.59
N ILE A 1354 15.43 -34.81 11.59
CA ILE A 1354 14.00 -34.90 11.46
C ILE A 1354 13.59 -36.30 11.00
N ARG A 1355 14.43 -36.97 10.18
CA ARG A 1355 14.07 -38.32 9.76
C ARG A 1355 14.04 -39.26 10.95
N LYS A 1356 15.02 -39.14 11.83
CA LYS A 1356 15.01 -39.98 13.00
C LYS A 1356 13.79 -39.66 13.85
N THR A 1357 13.56 -38.38 14.05
CA THR A 1357 12.49 -37.93 14.89
C THR A 1357 11.15 -38.42 14.39
N LEU A 1358 10.91 -38.30 13.08
CA LEU A 1358 9.62 -38.69 12.60
C LEU A 1358 9.48 -40.19 12.61
N LYS A 1359 10.54 -40.95 12.39
CA LYS A 1359 10.34 -42.38 12.42
C LYS A 1359 9.89 -42.86 13.79
N HIS A 1360 10.37 -42.18 14.84
CA HIS A 1360 9.91 -42.57 16.14
C HIS A 1360 8.47 -42.09 16.33
N ALA A 1361 8.20 -40.84 15.94
CA ALA A 1361 6.89 -40.22 16.10
C ALA A 1361 5.80 -40.97 15.35
N PHE A 1362 6.16 -41.51 14.20
CA PHE A 1362 5.26 -42.19 13.32
C PHE A 1362 5.51 -43.67 13.25
N ALA A 1363 5.97 -44.25 14.33
CA ALA A 1363 6.26 -45.68 14.32
C ALA A 1363 5.05 -46.52 13.87
N ASP A 1364 3.82 -46.10 14.17
CA ASP A 1364 2.63 -46.84 13.78
C ASP A 1364 1.92 -46.26 12.54
N CYS A 1365 2.58 -45.37 11.82
CA CYS A 1365 2.01 -44.69 10.67
C CYS A 1365 2.71 -44.97 9.36
N THR A 1366 2.09 -44.57 8.26
CA THR A 1366 2.67 -44.83 6.95
C THR A 1366 3.28 -43.54 6.40
N VAL A 1367 4.56 -43.61 6.04
CA VAL A 1367 5.22 -42.41 5.57
C VAL A 1367 5.54 -42.42 4.09
N VAL A 1368 5.04 -41.39 3.42
CA VAL A 1368 5.19 -41.23 2.00
C VAL A 1368 6.10 -40.07 1.68
N LEU A 1369 7.18 -40.34 0.96
CA LEU A 1369 8.10 -39.25 0.67
C LEU A 1369 8.27 -38.99 -0.80
N SER A 1370 8.33 -37.72 -1.15
CA SER A 1370 8.61 -37.34 -2.53
C SER A 1370 10.01 -36.78 -2.54
N GLU A 1371 10.91 -37.47 -3.24
CA GLU A 1371 12.33 -37.08 -3.21
C GLU A 1371 12.90 -36.71 -4.59
N SER A 1372 13.98 -35.96 -4.56
CA SER A 1372 14.70 -35.54 -5.75
C SER A 1372 15.93 -36.39 -6.09
N ARG A 1373 16.38 -37.20 -5.13
CA ARG A 1373 17.58 -38.00 -5.30
C ARG A 1373 17.42 -39.42 -4.81
N LEU A 1374 18.18 -40.31 -5.44
CA LEU A 1374 18.16 -41.71 -5.09
C LEU A 1374 18.65 -41.96 -3.68
N GLU A 1375 19.62 -41.18 -3.25
CA GLU A 1375 20.18 -41.36 -1.94
C GLU A 1375 19.14 -41.21 -0.84
N ALA A 1376 18.16 -40.31 -1.04
CA ALA A 1376 17.12 -40.13 -0.03
C ALA A 1376 15.99 -41.14 -0.21
N ILE A 1377 15.65 -41.47 -1.47
CA ILE A 1377 14.53 -42.37 -1.71
C ILE A 1377 14.86 -43.75 -1.21
N LEU A 1378 16.17 -44.04 -1.17
CA LEU A 1378 16.79 -45.28 -0.77
C LEU A 1378 16.23 -45.88 0.50
N GLU A 1379 15.75 -45.08 1.44
CA GLU A 1379 15.28 -45.69 2.68
C GLU A 1379 13.86 -46.26 2.57
N CYS A 1380 13.21 -46.05 1.42
CA CYS A 1380 11.86 -46.52 1.15
C CYS A 1380 11.87 -47.97 0.69
N GLN A 1381 10.77 -48.70 0.88
CA GLN A 1381 10.69 -50.07 0.43
C GLN A 1381 9.97 -50.20 -0.90
N ARG A 1382 9.03 -49.29 -1.15
CA ARG A 1382 8.25 -49.35 -2.40
C ARG A 1382 8.28 -47.99 -3.07
N PHE A 1383 8.39 -48.03 -4.38
CA PHE A 1383 8.59 -46.81 -5.10
C PHE A 1383 7.59 -46.54 -6.21
N LEU A 1384 7.27 -45.26 -6.34
CA LEU A 1384 6.42 -44.74 -7.41
C LEU A 1384 7.26 -43.87 -8.34
N VAL A 1385 7.46 -44.30 -9.57
CA VAL A 1385 8.24 -43.45 -10.45
C VAL A 1385 7.33 -42.87 -11.53
N ILE A 1386 7.16 -41.55 -11.55
CA ILE A 1386 6.16 -40.84 -12.39
C ILE A 1386 6.80 -40.00 -13.51
N GLU A 1387 6.31 -40.18 -14.74
CA GLU A 1387 6.64 -39.33 -15.88
C GLU A 1387 5.52 -39.35 -16.91
N ASP A 1388 5.35 -38.27 -17.66
CA ASP A 1388 4.39 -38.21 -18.76
C ASP A 1388 2.97 -38.67 -18.38
N ASN A 1389 2.49 -38.29 -17.19
CA ASN A 1389 1.16 -38.65 -16.67
C ASN A 1389 0.92 -40.17 -16.49
N LYS A 1390 1.99 -40.98 -16.45
CA LYS A 1390 2.00 -42.44 -16.24
C LYS A 1390 3.06 -42.81 -15.18
N MET A 1391 2.97 -44.02 -14.64
CA MET A 1391 3.77 -44.42 -13.49
C MET A 1391 4.16 -45.89 -13.52
N ARG A 1392 5.35 -46.19 -12.96
CA ARG A 1392 5.82 -47.56 -12.74
C ARG A 1392 6.07 -47.82 -11.25
N GLN A 1393 5.44 -48.88 -10.74
CA GLN A 1393 5.57 -49.25 -9.33
C GLN A 1393 6.65 -50.29 -9.16
N TYR A 1394 7.57 -50.04 -8.23
CA TYR A 1394 8.64 -51.01 -7.98
C TYR A 1394 8.59 -51.50 -6.55
N GLU A 1395 8.88 -52.78 -6.36
CA GLU A 1395 8.87 -53.38 -5.02
C GLU A 1395 10.23 -53.37 -4.35
N SER A 1396 11.21 -52.86 -5.08
CA SER A 1396 12.58 -52.80 -4.61
C SER A 1396 13.33 -51.74 -5.32
N ILE A 1397 14.26 -51.13 -4.59
CA ILE A 1397 15.11 -50.13 -5.15
C ILE A 1397 15.91 -50.72 -6.28
N GLN A 1398 16.27 -52.00 -6.19
CA GLN A 1398 17.03 -52.55 -7.30
C GLN A 1398 16.22 -52.65 -8.56
N LYS A 1399 14.92 -52.92 -8.46
CA LYS A 1399 14.14 -53.06 -9.66
C LYS A 1399 13.96 -51.68 -10.23
N LEU A 1400 13.87 -50.71 -9.31
CA LEU A 1400 13.74 -49.33 -9.71
C LEU A 1400 14.95 -48.94 -10.49
N LEU A 1401 16.14 -49.22 -9.96
CA LEU A 1401 17.38 -48.85 -10.60
C LEU A 1401 17.58 -49.56 -11.91
N SER A 1402 17.19 -50.82 -12.01
CA SER A 1402 17.36 -51.48 -13.29
C SER A 1402 16.45 -50.83 -14.34
N GLU A 1403 15.20 -50.51 -13.97
CA GLU A 1403 14.34 -49.87 -14.94
C GLU A 1403 14.69 -48.41 -15.13
N LYS A 1404 15.17 -47.73 -14.08
CA LYS A 1404 15.51 -46.32 -14.13
C LYS A 1404 16.67 -46.13 -15.07
N SER A 1405 17.64 -47.04 -15.04
CA SER A 1405 18.75 -46.91 -15.96
C SER A 1405 18.24 -47.03 -17.39
N SER A 1406 17.39 -48.04 -17.65
CA SER A 1406 16.83 -48.23 -18.99
C SER A 1406 15.96 -47.04 -19.41
N LEU A 1407 15.30 -46.45 -18.43
CA LEU A 1407 14.41 -45.32 -18.61
C LEU A 1407 15.01 -44.01 -18.08
N ARG A 1408 16.33 -43.88 -18.01
CA ARG A 1408 16.90 -42.63 -17.49
C ARG A 1408 16.87 -41.55 -18.54
N GLN A 1409 15.69 -40.98 -18.71
CA GLN A 1409 15.41 -39.94 -19.70
C GLN A 1409 14.22 -39.08 -19.29
#